data_7T9Z
#
_entry.id   7T9Z
#
_cell.length_a   200.910
_cell.length_b   110.860
_cell.length_c   56.930
_cell.angle_alpha   90.000
_cell.angle_beta   106.404
_cell.angle_gamma   90.000
#
_symmetry.space_group_name_H-M   'C 1 2 1'
#
loop_
_entity.id
_entity.type
_entity.pdbx_description
1 polymer 'Ornithine aminotransferase, mitochondrial'
2 non-polymer "PYRIDOXAL-5'-PHOSPHATE"
3 water water
#
_entity_poly.entity_id   1
_entity_poly.type   'polypeptide(L)'
_entity_poly.pdbx_seq_one_letter_code
;MFSKLAHLQRFAVLSRGVHSSVASATSVATKKTVQGPPTSDDIFEREYKYGAHNYHPLPVALERGKGIYLWDVEGRKYFD
FLSSYSAVNQGHCHPKIVNALKSQVDKLTLTSRAFYNNVLGEYEEYITKLFNYHKVLPMNTGVEAGETACKLARKWGYTV
KGIQKYKAKIVFAAGNFWGRTLSAISSSTDPTSYDGFGPFMPGFDIIPYNDLPALERALQDPNVAAFMVEPIQGEAGVVV
PDPGYLMGVRELCTRHQVLFIADEIQTGLARTGRWLAVDYENVRPDIVLLGKALSGGLYPVSAVLCDDDIMLTIKPGEHG
STYGGNPLGCRVAIAALEVLEEENLAENADKLGIILRNELMKLPSDVVTAVRGKGLLNAIVIKETKDWDAWKVCLRLRDN
GLLAKPTHGDIIRFAPPLVIKEDELRESIEIINKTILSF
;
_entity_poly.pdbx_strand_id   A,B,C
#
loop_
_chem_comp.id
_chem_comp.type
_chem_comp.name
_chem_comp.formula
PLP non-polymer PYRIDOXAL-5'-PHOSPHATE 'C8 H10 N O6 P'
#
# COMPACT_ATOMS: atom_id res chain seq x y z
N PRO A 38 -36.23 -13.91 -46.38
CA PRO A 38 -35.60 -13.62 -45.08
C PRO A 38 -34.44 -14.55 -44.76
N THR A 39 -33.32 -14.36 -45.47
CA THR A 39 -32.10 -15.08 -45.12
C THR A 39 -31.43 -14.43 -43.93
N SER A 40 -30.32 -15.02 -43.48
CA SER A 40 -29.58 -14.47 -42.36
C SER A 40 -28.91 -13.15 -42.75
N ASP A 41 -28.34 -13.10 -43.94
CA ASP A 41 -27.64 -11.90 -44.40
C ASP A 41 -28.61 -10.71 -44.48
N ASP A 42 -29.82 -10.95 -44.98
CA ASP A 42 -30.79 -9.86 -45.10
C ASP A 42 -31.22 -9.35 -43.74
N ILE A 43 -31.39 -10.25 -42.76
CA ILE A 43 -31.73 -9.82 -41.41
C ILE A 43 -30.61 -8.97 -40.81
N PHE A 44 -29.36 -9.42 -40.99
CA PHE A 44 -28.22 -8.64 -40.52
C PHE A 44 -28.19 -7.27 -41.18
N GLU A 45 -28.41 -7.23 -42.50
CA GLU A 45 -28.36 -5.97 -43.23
C GLU A 45 -29.49 -5.03 -42.80
N ARG A 46 -30.68 -5.58 -42.53
CA ARG A 46 -31.79 -4.74 -42.08
C ARG A 46 -31.48 -4.14 -40.72
N GLU A 47 -30.97 -4.94 -39.78
CA GLU A 47 -30.60 -4.41 -38.47
C GLU A 47 -29.50 -3.36 -38.61
N TYR A 48 -28.52 -3.61 -39.47
CA TYR A 48 -27.44 -2.65 -39.66
C TYR A 48 -27.96 -1.33 -40.22
N LYS A 49 -28.90 -1.40 -41.16
CA LYS A 49 -29.37 -0.18 -41.82
C LYS A 49 -30.28 0.64 -40.91
N TYR A 50 -31.19 -0.02 -40.18
CA TYR A 50 -32.21 0.72 -39.46
C TYR A 50 -32.01 0.76 -37.94
N GLY A 51 -31.27 -0.18 -37.37
CA GLY A 51 -31.07 -0.23 -35.93
C GLY A 51 -29.77 0.42 -35.50
N ALA A 52 -29.72 0.79 -34.22
CA ALA A 52 -28.50 1.37 -33.65
C ALA A 52 -27.42 0.31 -33.56
N HIS A 53 -26.17 0.77 -33.53
CA HIS A 53 -25.00 -0.10 -33.55
C HIS A 53 -24.40 -0.25 -32.16
N ASN A 54 -25.24 -0.31 -31.13
CA ASN A 54 -24.77 -0.46 -29.77
C ASN A 54 -24.40 -1.90 -29.42
N TYR A 55 -24.63 -2.84 -30.34
CA TYR A 55 -24.24 -4.23 -30.16
C TYR A 55 -23.54 -4.74 -31.41
N HIS A 56 -22.73 -5.78 -31.24
CA HIS A 56 -22.19 -6.58 -32.34
C HIS A 56 -22.53 -8.03 -32.04
N PRO A 57 -23.77 -8.46 -32.33
CA PRO A 57 -24.16 -9.83 -31.99
C PRO A 57 -23.41 -10.86 -32.82
N LEU A 58 -23.38 -12.08 -32.31
CA LEU A 58 -22.84 -13.19 -33.07
C LEU A 58 -23.67 -13.39 -34.32
N PRO A 59 -23.05 -13.60 -35.48
CA PRO A 59 -23.83 -13.70 -36.73
C PRO A 59 -24.74 -14.92 -36.80
N VAL A 60 -25.81 -14.91 -36.02
CA VAL A 60 -26.88 -15.90 -36.11
C VAL A 60 -28.22 -15.16 -36.07
N ALA A 61 -29.13 -15.60 -36.93
CA ALA A 61 -30.45 -14.97 -37.05
C ALA A 61 -31.49 -15.98 -36.57
N LEU A 62 -31.87 -15.86 -35.30
CA LEU A 62 -32.76 -16.81 -34.65
C LEU A 62 -34.22 -16.48 -34.95
N GLU A 63 -35.00 -17.53 -35.21
CA GLU A 63 -36.42 -17.34 -35.49
C GLU A 63 -37.35 -18.23 -34.67
N ARG A 64 -36.87 -19.32 -34.07
CA ARG A 64 -37.71 -20.14 -33.22
C ARG A 64 -36.91 -20.58 -31.99
N GLY A 65 -37.61 -20.77 -30.88
CA GLY A 65 -36.98 -21.25 -29.67
C GLY A 65 -37.88 -22.17 -28.88
N LYS A 66 -37.35 -23.27 -28.38
CA LYS A 66 -38.16 -24.21 -27.61
C LYS A 66 -37.27 -24.95 -26.63
N GLY A 67 -37.56 -24.80 -25.35
CA GLY A 67 -36.77 -25.47 -24.33
C GLY A 67 -35.32 -25.04 -24.39
N ILE A 68 -34.45 -25.99 -24.73
CA ILE A 68 -33.02 -25.72 -24.81
C ILE A 68 -32.54 -25.47 -26.23
N TYR A 69 -33.41 -25.55 -27.22
CA TYR A 69 -33.02 -25.49 -28.62
C TYR A 69 -33.44 -24.18 -29.26
N LEU A 70 -32.62 -23.72 -30.21
CA LEU A 70 -32.92 -22.57 -31.03
C LEU A 70 -32.83 -22.95 -32.50
N TRP A 71 -33.65 -22.29 -33.32
CA TRP A 71 -33.70 -22.53 -34.76
C TRP A 71 -33.58 -21.21 -35.48
N ASP A 72 -32.66 -21.14 -36.44
CA ASP A 72 -32.49 -19.96 -37.27
C ASP A 72 -33.44 -20.00 -38.48
N VAL A 73 -33.41 -18.92 -39.26
CA VAL A 73 -34.27 -18.84 -40.43
C VAL A 73 -33.91 -19.86 -41.48
N GLU A 74 -32.68 -20.37 -41.46
CA GLU A 74 -32.26 -21.44 -42.37
C GLU A 74 -32.73 -22.81 -41.90
N GLY A 75 -33.32 -22.92 -40.72
CA GLY A 75 -33.77 -24.19 -40.19
C GLY A 75 -32.75 -24.95 -39.38
N ARG A 76 -31.55 -24.40 -39.19
CA ARG A 76 -30.52 -25.08 -38.41
C ARG A 76 -30.93 -25.15 -36.94
N LYS A 77 -30.38 -26.14 -36.25
CA LYS A 77 -30.69 -26.40 -34.85
C LYS A 77 -29.46 -26.14 -33.99
N TYR A 78 -29.64 -25.38 -32.91
CA TYR A 78 -28.55 -24.97 -32.05
C TYR A 78 -28.88 -25.25 -30.59
N PHE A 79 -27.86 -25.67 -29.85
CA PHE A 79 -27.93 -25.71 -28.40
C PHE A 79 -27.74 -24.29 -27.85
N ASP A 80 -28.69 -23.84 -27.03
CA ASP A 80 -28.58 -22.53 -26.41
C ASP A 80 -27.78 -22.67 -25.12
N PHE A 81 -26.54 -22.16 -25.13
CA PHE A 81 -25.69 -22.18 -23.96
C PHE A 81 -25.46 -20.78 -23.39
N LEU A 82 -26.32 -19.83 -23.75
CA LEU A 82 -26.33 -18.51 -23.14
C LEU A 82 -27.59 -18.23 -22.34
N SER A 83 -28.72 -18.83 -22.73
CA SER A 83 -29.98 -18.70 -22.00
C SER A 83 -30.41 -17.25 -21.85
N SER A 84 -30.10 -16.44 -22.87
CA SER A 84 -30.45 -15.02 -22.87
C SER A 84 -30.01 -14.33 -21.59
N TYR A 85 -28.77 -14.63 -21.17
CA TYR A 85 -28.19 -14.11 -19.94
C TYR A 85 -28.98 -14.58 -18.71
N SER A 86 -29.24 -15.89 -18.65
CA SER A 86 -29.95 -16.54 -17.56
C SER A 86 -31.40 -16.08 -17.43
N ALA A 87 -32.01 -15.60 -18.52
CA ALA A 87 -33.40 -15.15 -18.48
C ALA A 87 -34.39 -16.22 -18.90
N VAL A 88 -33.94 -17.28 -19.59
CA VAL A 88 -34.82 -18.36 -20.00
C VAL A 88 -34.37 -19.65 -19.33
N ASN A 89 -33.90 -19.53 -18.09
CA ASN A 89 -33.56 -20.69 -17.26
C ASN A 89 -34.58 -21.82 -17.41
N GLN A 90 -35.86 -21.46 -17.48
CA GLN A 90 -36.95 -22.43 -17.59
C GLN A 90 -37.12 -22.97 -19.00
N GLY A 91 -36.23 -22.62 -19.93
CA GLY A 91 -36.37 -23.02 -21.31
C GLY A 91 -37.17 -22.02 -22.12
N HIS A 92 -36.92 -22.04 -23.42
CA HIS A 92 -37.63 -21.13 -24.33
C HIS A 92 -39.08 -21.53 -24.46
N CYS A 93 -39.98 -20.55 -24.32
CA CYS A 93 -41.41 -20.74 -24.53
C CYS A 93 -41.95 -21.91 -23.69
N HIS A 94 -41.71 -21.85 -22.39
CA HIS A 94 -42.19 -22.89 -21.49
C HIS A 94 -43.71 -22.91 -21.50
N PRO A 95 -44.34 -24.09 -21.66
CA PRO A 95 -45.79 -24.11 -21.90
C PRO A 95 -46.60 -23.48 -20.77
N LYS A 96 -46.17 -23.62 -19.52
CA LYS A 96 -46.99 -23.11 -18.43
C LYS A 96 -46.97 -21.59 -18.38
N ILE A 97 -45.80 -20.98 -18.63
CA ILE A 97 -45.73 -19.53 -18.66
C ILE A 97 -46.44 -18.94 -19.87
N VAL A 98 -46.33 -19.58 -21.03
CA VAL A 98 -47.04 -19.14 -22.23
C VAL A 98 -48.55 -19.19 -21.99
N ASN A 99 -49.03 -20.27 -21.36
CA ASN A 99 -50.45 -20.40 -21.07
C ASN A 99 -50.92 -19.31 -20.11
N ALA A 100 -50.12 -19.00 -19.08
CA ALA A 100 -50.50 -17.94 -18.15
C ALA A 100 -50.57 -16.58 -18.86
N LEU A 101 -49.58 -16.29 -19.71
CA LEU A 101 -49.60 -15.05 -20.46
C LEU A 101 -50.83 -14.97 -21.38
N LYS A 102 -51.15 -16.08 -22.06
CA LYS A 102 -52.30 -16.08 -22.95
C LYS A 102 -53.61 -15.95 -22.19
N SER A 103 -53.69 -16.55 -21.00
CA SER A 103 -54.89 -16.43 -20.19
C SER A 103 -55.09 -15.01 -19.68
N GLN A 104 -54.01 -14.36 -19.22
CA GLN A 104 -54.14 -13.03 -18.66
C GLN A 104 -54.33 -11.96 -19.73
N VAL A 105 -53.72 -12.15 -20.90
CA VAL A 105 -53.74 -11.10 -21.92
C VAL A 105 -55.16 -10.86 -22.44
N ASP A 106 -56.05 -11.85 -22.31
CA ASP A 106 -57.42 -11.70 -22.79
C ASP A 106 -58.31 -10.99 -21.78
N LYS A 107 -57.84 -10.75 -20.56
CA LYS A 107 -58.66 -10.15 -19.52
C LYS A 107 -58.21 -8.75 -19.13
N LEU A 108 -56.93 -8.58 -18.78
CA LEU A 108 -56.42 -7.30 -18.32
C LEU A 108 -54.90 -7.28 -18.37
N THR A 109 -54.32 -6.28 -19.02
CA THR A 109 -52.87 -6.22 -19.19
C THR A 109 -52.21 -5.06 -18.46
N LEU A 110 -52.87 -3.90 -18.36
CA LEU A 110 -52.24 -2.74 -17.71
C LEU A 110 -53.31 -1.76 -17.27
N THR A 111 -53.37 -1.48 -15.97
CA THR A 111 -54.20 -0.41 -15.43
C THR A 111 -53.39 0.78 -14.95
N SER A 112 -52.06 0.64 -14.88
CA SER A 112 -51.16 1.55 -14.17
C SER A 112 -51.43 1.45 -12.67
N ARG A 113 -50.55 2.03 -11.86
CA ARG A 113 -50.66 1.91 -10.42
C ARG A 113 -51.54 3.00 -9.80
N ALA A 114 -52.19 3.82 -10.63
CA ALA A 114 -53.16 4.78 -10.11
C ALA A 114 -54.38 4.06 -9.52
N PHE A 115 -54.64 2.83 -9.96
CA PHE A 115 -55.69 2.00 -9.40
C PHE A 115 -55.12 0.61 -9.09
N TYR A 116 -55.95 -0.22 -8.47
CA TYR A 116 -55.58 -1.58 -8.14
C TYR A 116 -56.02 -2.54 -9.24
N ASN A 117 -55.26 -3.61 -9.42
CA ASN A 117 -55.68 -4.76 -10.21
C ASN A 117 -55.73 -5.99 -9.32
N ASN A 118 -56.34 -7.05 -9.84
CA ASN A 118 -56.61 -8.24 -9.04
C ASN A 118 -55.43 -9.20 -8.95
N VAL A 119 -54.35 -8.96 -9.68
CA VAL A 119 -53.25 -9.91 -9.80
C VAL A 119 -52.06 -9.52 -8.93
N LEU A 120 -51.81 -8.21 -8.78
CA LEU A 120 -50.56 -7.75 -8.17
C LEU A 120 -50.40 -8.26 -6.75
N GLY A 121 -51.47 -8.19 -5.95
CA GLY A 121 -51.38 -8.64 -4.57
C GLY A 121 -51.06 -10.12 -4.44
N GLU A 122 -51.65 -10.94 -5.30
CA GLU A 122 -51.37 -12.38 -5.28
C GLU A 122 -49.89 -12.65 -5.55
N TYR A 123 -49.34 -12.01 -6.58
CA TYR A 123 -47.93 -12.19 -6.90
C TYR A 123 -47.03 -11.68 -5.78
N GLU A 124 -47.38 -10.54 -5.19
CA GLU A 124 -46.59 -10.00 -4.10
C GLU A 124 -46.57 -10.96 -2.92
N GLU A 125 -47.73 -11.49 -2.53
CA GLU A 125 -47.78 -12.47 -1.46
C GLU A 125 -46.93 -13.69 -1.79
N TYR A 126 -47.07 -14.20 -3.01
CA TYR A 126 -46.36 -15.41 -3.40
C TYR A 126 -44.85 -15.21 -3.32
N ILE A 127 -44.35 -14.14 -3.91
CA ILE A 127 -42.90 -13.90 -3.94
C ILE A 127 -42.37 -13.63 -2.54
N THR A 128 -43.10 -12.83 -1.74
CA THR A 128 -42.64 -12.52 -0.40
C THR A 128 -42.55 -13.78 0.46
N LYS A 129 -43.54 -14.68 0.35
CA LYS A 129 -43.46 -15.94 1.07
C LYS A 129 -42.30 -16.79 0.57
N LEU A 130 -42.13 -16.87 -0.76
CA LEU A 130 -41.11 -17.75 -1.33
C LEU A 130 -39.72 -17.35 -0.87
N PHE A 131 -39.41 -16.05 -0.85
CA PHE A 131 -38.07 -15.62 -0.51
C PHE A 131 -37.92 -15.13 0.93
N ASN A 132 -38.99 -15.17 1.73
CA ASN A 132 -38.94 -14.85 3.15
C ASN A 132 -38.50 -13.40 3.37
N TYR A 133 -39.16 -12.47 2.69
CA TYR A 133 -39.01 -11.05 2.95
C TYR A 133 -40.39 -10.44 3.09
N HIS A 134 -40.47 -9.32 3.82
CA HIS A 134 -41.77 -8.74 4.15
C HIS A 134 -42.44 -8.15 2.90
N LYS A 135 -41.70 -7.35 2.13
CA LYS A 135 -42.29 -6.65 1.00
C LYS A 135 -41.44 -6.78 -0.26
N VAL A 136 -42.13 -6.64 -1.39
CA VAL A 136 -41.53 -6.61 -2.72
C VAL A 136 -41.97 -5.33 -3.43
N LEU A 137 -41.01 -4.66 -4.06
CA LEU A 137 -41.30 -3.52 -4.92
C LEU A 137 -41.09 -3.96 -6.36
N PRO A 138 -42.14 -4.00 -7.18
CA PRO A 138 -42.01 -4.50 -8.54
C PRO A 138 -41.53 -3.43 -9.51
N MET A 139 -40.68 -3.84 -10.44
CA MET A 139 -40.22 -3.02 -11.55
C MET A 139 -40.20 -3.90 -12.79
N ASN A 140 -39.63 -3.40 -13.87
CA ASN A 140 -39.62 -4.11 -15.13
C ASN A 140 -38.27 -4.74 -15.46
N THR A 141 -37.20 -3.96 -15.43
CA THR A 141 -35.88 -4.43 -15.83
C THR A 141 -34.93 -4.43 -14.63
N GLY A 142 -33.78 -5.08 -14.83
CA GLY A 142 -32.79 -5.16 -13.76
C GLY A 142 -32.23 -3.82 -13.37
N VAL A 143 -32.00 -2.93 -14.35
CA VAL A 143 -31.49 -1.60 -14.05
C VAL A 143 -32.45 -0.85 -13.14
N GLU A 144 -33.75 -1.01 -13.37
CA GLU A 144 -34.74 -0.34 -12.54
C GLU A 144 -34.72 -0.86 -11.11
N ALA A 145 -34.53 -2.17 -10.94
CA ALA A 145 -34.39 -2.73 -9.59
C ALA A 145 -33.14 -2.21 -8.90
N GLY A 146 -32.03 -2.09 -9.64
CA GLY A 146 -30.83 -1.54 -9.04
C GLY A 146 -30.98 -0.08 -8.64
N GLU A 147 -31.62 0.71 -9.48
CA GLU A 147 -31.91 2.10 -9.15
C GLU A 147 -32.80 2.19 -7.93
N THR A 148 -33.82 1.33 -7.86
CA THR A 148 -34.68 1.29 -6.68
C THR A 148 -33.89 0.92 -5.44
N ALA A 149 -32.98 -0.03 -5.55
CA ALA A 149 -32.15 -0.43 -4.42
C ALA A 149 -31.29 0.72 -3.92
N CYS A 150 -30.67 1.46 -4.84
CA CYS A 150 -29.85 2.60 -4.44
C CYS A 150 -30.71 3.69 -3.80
N LYS A 151 -31.89 3.95 -4.36
CA LYS A 151 -32.81 4.92 -3.77
C LYS A 151 -33.21 4.50 -2.36
N LEU A 152 -33.51 3.21 -2.18
CA LEU A 152 -33.86 2.67 -0.88
C LEU A 152 -32.71 2.84 0.11
N ALA A 153 -31.49 2.52 -0.33
CA ALA A 153 -30.31 2.65 0.52
C ALA A 153 -30.11 4.09 0.96
N ARG A 154 -30.20 5.03 0.03
CA ARG A 154 -30.01 6.43 0.38
C ARG A 154 -31.10 6.93 1.32
N LYS A 155 -32.37 6.60 1.02
CA LYS A 155 -33.46 7.04 1.87
C LYS A 155 -33.36 6.45 3.27
N TRP A 156 -32.98 5.17 3.36
CA TRP A 156 -32.80 4.54 4.67
C TRP A 156 -31.63 5.15 5.43
N GLY A 157 -30.55 5.48 4.72
CA GLY A 157 -29.43 6.13 5.38
C GLY A 157 -29.79 7.50 5.93
N TYR A 158 -30.59 8.26 5.18
CA TYR A 158 -30.97 9.59 5.66
C TYR A 158 -32.03 9.52 6.75
N THR A 159 -32.99 8.60 6.64
CA THR A 159 -34.13 8.58 7.54
C THR A 159 -33.95 7.66 8.73
N VAL A 160 -33.25 6.55 8.57
CA VAL A 160 -33.07 5.55 9.62
C VAL A 160 -31.67 5.63 10.24
N LYS A 161 -30.63 5.56 9.40
CA LYS A 161 -29.28 5.59 9.92
C LYS A 161 -28.90 6.97 10.45
N GLY A 162 -29.50 8.02 9.89
CA GLY A 162 -29.23 9.36 10.35
C GLY A 162 -28.06 10.04 9.68
N ILE A 163 -27.65 9.55 8.51
CA ILE A 163 -26.60 10.22 7.74
C ILE A 163 -27.10 11.59 7.28
N GLN A 164 -26.23 12.59 7.37
CA GLN A 164 -26.58 13.92 6.87
C GLN A 164 -26.85 13.85 5.37
N LYS A 165 -27.82 14.65 4.92
CA LYS A 165 -28.38 14.48 3.58
C LYS A 165 -27.32 14.66 2.51
N TYR A 166 -27.30 13.72 1.56
CA TYR A 166 -26.53 13.76 0.32
C TYR A 166 -25.05 13.54 0.58
N LYS A 167 -24.71 13.03 1.76
CA LYS A 167 -23.41 12.46 2.04
C LYS A 167 -23.40 10.94 2.00
N ALA A 168 -24.54 10.31 1.71
CA ALA A 168 -24.62 8.86 1.74
C ALA A 168 -23.79 8.24 0.63
N LYS A 169 -23.00 7.23 0.98
CA LYS A 169 -22.19 6.49 0.02
C LYS A 169 -22.75 5.09 -0.19
N ILE A 170 -22.50 4.55 -1.37
CA ILE A 170 -22.80 3.17 -1.71
C ILE A 170 -21.54 2.54 -2.27
N VAL A 171 -21.17 1.36 -1.76
CA VAL A 171 -19.96 0.67 -2.18
C VAL A 171 -20.33 -0.46 -3.12
N PHE A 172 -19.54 -0.60 -4.19
CA PHE A 172 -19.70 -1.65 -5.18
C PHE A 172 -18.37 -2.39 -5.31
N ALA A 173 -18.42 -3.54 -5.94
CA ALA A 173 -17.24 -4.37 -6.18
C ALA A 173 -16.73 -4.14 -7.59
N ALA A 174 -15.40 -4.15 -7.74
CA ALA A 174 -14.81 -4.05 -9.07
C ALA A 174 -15.27 -5.21 -9.94
N GLY A 175 -15.54 -4.90 -11.21
CA GLY A 175 -16.12 -5.87 -12.12
C GLY A 175 -17.62 -5.98 -12.05
N ASN A 176 -18.28 -5.15 -11.24
CA ASN A 176 -19.73 -5.23 -11.10
C ASN A 176 -20.42 -4.80 -12.39
N PHE A 177 -21.60 -5.38 -12.62
CA PHE A 177 -22.50 -4.93 -13.68
C PHE A 177 -23.92 -5.01 -13.15
N TRP A 178 -24.65 -3.89 -13.24
CA TRP A 178 -26.08 -3.94 -12.97
C TRP A 178 -26.86 -3.09 -13.96
N GLY A 179 -26.27 -2.72 -15.09
CA GLY A 179 -26.99 -2.12 -16.18
C GLY A 179 -26.24 -0.98 -16.81
N ARG A 180 -27.00 -0.17 -17.56
CA ARG A 180 -26.40 0.87 -18.44
C ARG A 180 -26.96 2.27 -18.21
N THR A 181 -27.74 2.46 -17.16
CA THR A 181 -28.14 3.81 -16.81
C THR A 181 -26.91 4.63 -16.40
N LEU A 182 -27.09 5.95 -16.34
CA LEU A 182 -25.98 6.82 -15.95
C LEU A 182 -25.45 6.45 -14.57
N SER A 183 -26.35 6.18 -13.62
CA SER A 183 -25.92 5.74 -12.30
C SER A 183 -25.21 4.40 -12.37
N ALA A 184 -25.73 3.47 -13.18
CA ALA A 184 -25.13 2.14 -13.27
C ALA A 184 -23.71 2.22 -13.82
N ILE A 185 -23.52 2.98 -14.91
CA ILE A 185 -22.19 3.10 -15.48
C ILE A 185 -21.28 3.94 -14.57
N SER A 186 -21.88 4.76 -13.71
CA SER A 186 -21.08 5.53 -12.75
C SER A 186 -20.35 4.62 -11.78
N SER A 187 -20.89 3.43 -11.50
CA SER A 187 -20.26 2.47 -10.61
C SER A 187 -19.48 1.38 -11.34
N SER A 188 -19.41 1.45 -12.67
CA SER A 188 -18.73 0.41 -13.43
C SER A 188 -17.23 0.66 -13.46
N THR A 189 -16.47 -0.44 -13.40
CA THR A 189 -15.03 -0.40 -13.64
C THR A 189 -14.68 -0.75 -15.08
N ASP A 190 -15.67 -1.03 -15.92
CA ASP A 190 -15.46 -1.31 -17.33
C ASP A 190 -15.41 0.01 -18.09
N PRO A 191 -14.26 0.35 -18.69
CA PRO A 191 -14.16 1.63 -19.40
C PRO A 191 -15.15 1.78 -20.55
N THR A 192 -15.49 0.69 -21.24
CA THR A 192 -16.44 0.79 -22.33
C THR A 192 -17.83 1.19 -21.84
N SER A 193 -18.13 0.94 -20.56
CA SER A 193 -19.44 1.25 -20.02
C SER A 193 -19.61 2.75 -19.78
N TYR A 194 -18.56 3.43 -19.32
CA TYR A 194 -18.71 4.80 -18.85
C TYR A 194 -17.84 5.82 -19.57
N ASP A 195 -16.92 5.41 -20.44
CA ASP A 195 -16.06 6.36 -21.13
C ASP A 195 -16.87 7.27 -22.04
N GLY A 196 -16.74 8.58 -21.83
CA GLY A 196 -17.40 9.55 -22.68
C GLY A 196 -18.88 9.77 -22.43
N PHE A 197 -19.40 9.29 -21.30
CA PHE A 197 -20.82 9.42 -20.99
C PHE A 197 -21.10 10.49 -19.94
N GLY A 198 -20.36 11.60 -19.98
CA GLY A 198 -20.68 12.76 -19.18
C GLY A 198 -20.33 12.60 -17.72
N PRO A 199 -20.68 13.59 -16.91
CA PRO A 199 -20.40 13.51 -15.46
C PRO A 199 -21.19 12.38 -14.82
N PHE A 200 -20.60 11.82 -13.76
CA PHE A 200 -21.08 10.58 -13.18
C PHE A 200 -21.72 10.84 -11.82
N MET A 201 -22.51 9.88 -11.37
CA MET A 201 -23.25 10.00 -10.12
C MET A 201 -22.29 10.01 -8.94
N PRO A 202 -22.29 11.06 -8.12
CA PRO A 202 -21.47 11.04 -6.91
C PRO A 202 -22.06 10.12 -5.85
N GLY A 203 -21.22 9.77 -4.88
CA GLY A 203 -21.64 8.91 -3.79
C GLY A 203 -21.39 7.44 -4.01
N PHE A 204 -20.62 7.06 -5.03
CA PHE A 204 -20.34 5.67 -5.34
C PHE A 204 -18.85 5.40 -5.12
N ASP A 205 -18.54 4.40 -4.29
CA ASP A 205 -17.18 3.94 -4.07
C ASP A 205 -17.04 2.52 -4.61
N ILE A 206 -15.81 2.19 -5.04
CA ILE A 206 -15.52 0.89 -5.64
C ILE A 206 -14.40 0.22 -4.87
N ILE A 207 -14.57 -1.05 -4.54
CA ILE A 207 -13.55 -1.83 -3.86
C ILE A 207 -13.35 -3.13 -4.65
N PRO A 208 -12.19 -3.78 -4.50
CA PRO A 208 -11.98 -5.05 -5.19
C PRO A 208 -12.98 -6.10 -4.76
N TYR A 209 -13.37 -6.95 -5.72
CA TYR A 209 -14.23 -8.08 -5.44
C TYR A 209 -13.49 -9.13 -4.62
N ASN A 210 -14.26 -9.91 -3.87
CA ASN A 210 -13.72 -11.04 -3.11
C ASN A 210 -12.60 -10.62 -2.16
N ASP A 211 -12.81 -9.47 -1.50
CA ASP A 211 -11.78 -8.87 -0.64
C ASP A 211 -12.48 -8.36 0.63
N LEU A 212 -12.53 -9.22 1.65
CA LEU A 212 -13.14 -8.89 2.93
C LEU A 212 -12.39 -7.77 3.65
N PRO A 213 -11.05 -7.80 3.71
CA PRO A 213 -10.34 -6.64 4.33
C PRO A 213 -10.65 -5.33 3.65
N ALA A 214 -10.81 -5.32 2.31
CA ALA A 214 -11.15 -4.08 1.62
C ALA A 214 -12.51 -3.57 2.04
N LEU A 215 -13.50 -4.47 2.16
CA LEU A 215 -14.82 -4.06 2.61
C LEU A 215 -14.77 -3.54 4.06
N GLU A 216 -14.00 -4.21 4.92
CA GLU A 216 -13.87 -3.77 6.29
C GLU A 216 -13.25 -2.37 6.36
N ARG A 217 -12.21 -2.12 5.57
CA ARG A 217 -11.59 -0.81 5.53
C ARG A 217 -12.56 0.24 5.00
N ALA A 218 -13.32 -0.11 3.96
CA ALA A 218 -14.23 0.85 3.35
C ALA A 218 -15.36 1.21 4.30
N LEU A 219 -15.84 0.25 5.08
CA LEU A 219 -16.98 0.47 5.97
C LEU A 219 -16.64 1.35 7.16
N GLN A 220 -15.37 1.72 7.36
CA GLN A 220 -15.01 2.64 8.44
C GLN A 220 -15.58 4.03 8.22
N ASP A 221 -15.95 4.38 7.00
CA ASP A 221 -16.63 5.64 6.74
C ASP A 221 -18.07 5.54 7.23
N PRO A 222 -18.49 6.37 8.19
CA PRO A 222 -19.86 6.23 8.71
C PRO A 222 -20.94 6.62 7.72
N ASN A 223 -20.59 7.30 6.63
CA ASN A 223 -21.57 7.74 5.65
C ASN A 223 -21.94 6.65 4.65
N VAL A 224 -21.36 5.46 4.76
CA VAL A 224 -21.72 4.35 3.89
C VAL A 224 -23.11 3.85 4.29
N ALA A 225 -24.02 3.80 3.32
CA ALA A 225 -25.38 3.33 3.57
C ALA A 225 -25.61 1.88 3.14
N ALA A 226 -24.98 1.45 2.05
CA ALA A 226 -25.19 0.09 1.56
C ALA A 226 -23.94 -0.37 0.81
N PHE A 227 -23.79 -1.68 0.75
CA PHE A 227 -22.82 -2.36 -0.10
C PHE A 227 -23.59 -3.27 -1.04
N MET A 228 -23.47 -3.02 -2.34
CA MET A 228 -24.15 -3.80 -3.37
C MET A 228 -23.15 -4.72 -4.03
N VAL A 229 -23.51 -6.00 -4.15
CA VAL A 229 -22.58 -7.01 -4.63
C VAL A 229 -23.35 -8.14 -5.29
N GLU A 230 -22.71 -8.81 -6.24
CA GLU A 230 -23.21 -10.03 -6.87
C GLU A 230 -22.56 -11.25 -6.24
N PRO A 231 -23.34 -12.27 -5.87
CA PRO A 231 -22.72 -13.49 -5.31
C PRO A 231 -21.72 -14.13 -6.27
N ILE A 232 -22.03 -14.12 -7.57
CA ILE A 232 -21.09 -14.48 -8.62
C ILE A 232 -21.19 -13.40 -9.69
N GLN A 233 -20.04 -12.81 -10.05
CA GLN A 233 -20.03 -11.75 -11.05
C GLN A 233 -20.12 -12.38 -12.43
N GLY A 234 -21.31 -12.33 -13.02
CA GLY A 234 -21.56 -12.96 -14.32
C GLY A 234 -20.94 -12.22 -15.48
N GLU A 235 -21.26 -10.93 -15.61
CA GLU A 235 -20.74 -10.13 -16.72
C GLU A 235 -19.21 -10.05 -16.68
N ALA A 236 -18.62 -10.13 -15.48
CA ALA A 236 -17.17 -10.08 -15.36
C ALA A 236 -16.49 -11.34 -15.88
N GLY A 237 -17.26 -12.41 -16.14
CA GLY A 237 -16.69 -13.64 -16.63
C GLY A 237 -16.87 -14.81 -15.68
N VAL A 238 -17.96 -14.78 -14.91
CA VAL A 238 -18.28 -15.79 -13.92
C VAL A 238 -17.11 -15.95 -12.96
N VAL A 239 -16.75 -14.88 -12.27
CA VAL A 239 -15.73 -14.95 -11.24
C VAL A 239 -16.40 -15.33 -9.93
N VAL A 240 -15.89 -16.37 -9.28
CA VAL A 240 -16.50 -16.94 -8.10
C VAL A 240 -15.68 -16.54 -6.88
N PRO A 241 -16.27 -15.86 -5.90
CA PRO A 241 -15.52 -15.50 -4.70
C PRO A 241 -15.17 -16.73 -3.87
N ASP A 242 -14.16 -16.56 -3.02
CA ASP A 242 -13.72 -17.65 -2.16
C ASP A 242 -14.83 -18.02 -1.17
N PRO A 243 -14.88 -19.27 -0.74
CA PRO A 243 -15.86 -19.67 0.27
C PRO A 243 -15.72 -18.84 1.54
N GLY A 244 -16.84 -18.43 2.10
CA GLY A 244 -16.87 -17.57 3.27
C GLY A 244 -16.92 -16.09 2.96
N TYR A 245 -16.79 -15.70 1.69
CA TYR A 245 -16.83 -14.27 1.33
C TYR A 245 -18.17 -13.65 1.69
N LEU A 246 -19.27 -14.34 1.35
CA LEU A 246 -20.60 -13.78 1.59
C LEU A 246 -20.89 -13.71 3.08
N MET A 247 -20.45 -14.72 3.85
CA MET A 247 -20.59 -14.65 5.31
C MET A 247 -19.84 -13.46 5.87
N GLY A 248 -18.61 -13.23 5.40
CA GLY A 248 -17.85 -12.08 5.86
C GLY A 248 -18.50 -10.76 5.49
N VAL A 249 -19.05 -10.68 4.28
CA VAL A 249 -19.75 -9.47 3.87
C VAL A 249 -20.97 -9.22 4.75
N ARG A 250 -21.73 -10.27 5.05
CA ARG A 250 -22.89 -10.15 5.92
C ARG A 250 -22.49 -9.65 7.31
N GLU A 251 -21.45 -10.26 7.89
CA GLU A 251 -21.00 -9.88 9.22
C GLU A 251 -20.50 -8.44 9.24
N LEU A 252 -19.71 -8.05 8.23
CA LEU A 252 -19.21 -6.69 8.17
C LEU A 252 -20.33 -5.68 8.00
N CYS A 253 -21.32 -5.98 7.16
CA CYS A 253 -22.44 -5.07 6.96
C CYS A 253 -23.25 -4.91 8.24
N THR A 254 -23.50 -6.03 8.95
CA THR A 254 -24.24 -5.96 10.20
C THR A 254 -23.47 -5.18 11.25
N ARG A 255 -22.14 -5.40 11.32
CA ARG A 255 -21.32 -4.73 12.33
C ARG A 255 -21.32 -3.22 12.15
N HIS A 256 -21.28 -2.75 10.91
CA HIS A 256 -21.22 -1.33 10.60
C HIS A 256 -22.56 -0.75 10.18
N GLN A 257 -23.67 -1.45 10.49
CA GLN A 257 -25.03 -1.09 10.08
C GLN A 257 -25.07 -0.56 8.65
N VAL A 258 -24.70 -1.41 7.70
CA VAL A 258 -24.71 -1.11 6.28
C VAL A 258 -25.62 -2.11 5.58
N LEU A 259 -26.46 -1.64 4.67
CA LEU A 259 -27.40 -2.53 4.00
C LEU A 259 -26.69 -3.42 2.99
N PHE A 260 -26.89 -4.72 3.13
CA PHE A 260 -26.32 -5.73 2.26
C PHE A 260 -27.27 -5.92 1.08
N ILE A 261 -26.88 -5.46 -0.10
CA ILE A 261 -27.69 -5.58 -1.30
C ILE A 261 -27.08 -6.67 -2.18
N ALA A 262 -27.86 -7.72 -2.44
CA ALA A 262 -27.42 -8.86 -3.23
C ALA A 262 -28.13 -8.81 -4.58
N ASP A 263 -27.35 -8.63 -5.64
CA ASP A 263 -27.87 -8.59 -7.00
C ASP A 263 -27.90 -10.03 -7.51
N GLU A 264 -29.07 -10.65 -7.43
CA GLU A 264 -29.29 -12.02 -7.88
C GLU A 264 -30.15 -12.05 -9.14
N ILE A 265 -30.07 -10.99 -9.95
CA ILE A 265 -30.83 -10.93 -11.18
C ILE A 265 -30.39 -12.01 -12.15
N GLN A 266 -29.08 -12.25 -12.23
CA GLN A 266 -28.52 -13.29 -13.08
C GLN A 266 -28.22 -14.58 -12.33
N THR A 267 -27.74 -14.50 -11.09
CA THR A 267 -27.35 -15.70 -10.35
C THR A 267 -28.53 -16.42 -9.73
N GLY A 268 -29.62 -15.72 -9.45
CA GLY A 268 -30.71 -16.29 -8.70
C GLY A 268 -31.58 -17.19 -9.53
N LEU A 269 -32.67 -17.64 -8.89
CA LEU A 269 -33.71 -18.43 -9.55
C LEU A 269 -33.16 -19.74 -10.13
N ALA A 270 -32.38 -20.44 -9.32
CA ALA A 270 -31.94 -21.82 -9.49
C ALA A 270 -30.79 -21.99 -10.49
N ARG A 271 -30.26 -20.92 -11.10
CA ARG A 271 -29.19 -21.11 -12.07
C ARG A 271 -27.93 -21.68 -11.43
N THR A 272 -27.56 -21.19 -10.25
CA THR A 272 -26.33 -21.62 -9.59
C THR A 272 -26.50 -22.88 -8.75
N GLY A 273 -27.71 -23.45 -8.70
CA GLY A 273 -27.98 -24.63 -7.91
C GLY A 273 -28.81 -24.39 -6.67
N ARG A 274 -29.09 -23.13 -6.33
CA ARG A 274 -29.95 -22.80 -5.21
C ARG A 274 -30.92 -21.72 -5.65
N TRP A 275 -31.99 -21.55 -4.87
CA TRP A 275 -32.96 -20.48 -5.16
C TRP A 275 -32.25 -19.15 -5.32
N LEU A 276 -31.32 -18.85 -4.42
CA LEU A 276 -30.41 -17.73 -4.54
C LEU A 276 -29.00 -18.26 -4.29
N ALA A 277 -28.03 -17.75 -5.05
CA ALA A 277 -26.65 -18.23 -4.89
C ALA A 277 -26.17 -18.04 -3.47
N VAL A 278 -26.59 -16.96 -2.81
CA VAL A 278 -26.20 -16.70 -1.42
C VAL A 278 -26.65 -17.79 -0.47
N ASP A 279 -27.66 -18.59 -0.85
CA ASP A 279 -28.07 -19.70 -0.01
C ASP A 279 -26.96 -20.73 0.16
N TYR A 280 -25.96 -20.71 -0.73
CA TYR A 280 -24.79 -21.57 -0.54
C TYR A 280 -24.10 -21.27 0.77
N GLU A 281 -24.02 -19.99 1.15
CA GLU A 281 -23.42 -19.59 2.42
C GLU A 281 -24.47 -19.34 3.50
N ASN A 282 -25.74 -19.62 3.22
CA ASN A 282 -26.82 -19.48 4.20
C ASN A 282 -26.88 -18.06 4.75
N VAL A 283 -26.62 -17.09 3.90
CA VAL A 283 -26.55 -15.69 4.30
C VAL A 283 -27.82 -14.99 3.82
N ARG A 284 -28.36 -14.12 4.66
CA ARG A 284 -29.58 -13.39 4.36
C ARG A 284 -29.28 -11.92 4.10
N PRO A 285 -29.22 -11.50 2.84
CA PRO A 285 -28.99 -10.08 2.54
C PRO A 285 -30.17 -9.21 2.95
N ASP A 286 -29.87 -7.92 3.19
CA ASP A 286 -30.92 -6.97 3.53
C ASP A 286 -31.84 -6.71 2.35
N ILE A 287 -31.29 -6.59 1.14
CA ILE A 287 -32.07 -6.36 -0.07
C ILE A 287 -31.68 -7.42 -1.10
N VAL A 288 -32.67 -7.95 -1.80
CA VAL A 288 -32.45 -8.94 -2.86
C VAL A 288 -33.01 -8.39 -4.16
N LEU A 289 -32.21 -8.43 -5.22
CA LEU A 289 -32.65 -8.02 -6.54
C LEU A 289 -32.92 -9.26 -7.40
N LEU A 290 -34.06 -9.28 -8.07
CA LEU A 290 -34.42 -10.37 -8.96
C LEU A 290 -34.88 -9.83 -10.30
N GLY A 291 -34.71 -10.63 -11.35
CA GLY A 291 -35.15 -10.25 -12.65
C GLY A 291 -34.89 -11.34 -13.67
N LYS A 292 -35.00 -10.97 -14.95
CA LYS A 292 -34.72 -11.86 -16.07
C LYS A 292 -35.54 -13.13 -15.99
N ALA A 293 -34.92 -14.21 -15.48
CA ALA A 293 -35.61 -15.49 -15.33
C ALA A 293 -36.85 -15.39 -14.47
N LEU A 294 -37.10 -14.25 -13.84
CA LEU A 294 -38.32 -14.03 -13.07
C LEU A 294 -39.53 -14.10 -13.98
N SER A 295 -39.33 -14.03 -15.30
CA SER A 295 -40.43 -14.13 -16.24
C SER A 295 -40.25 -15.25 -17.26
N GLY A 296 -39.17 -16.01 -17.18
CA GLY A 296 -38.89 -17.01 -18.19
C GLY A 296 -38.62 -16.43 -19.56
N GLY A 297 -38.27 -15.15 -19.64
CA GLY A 297 -38.02 -14.50 -20.91
C GLY A 297 -39.26 -14.05 -21.66
N LEU A 298 -40.44 -14.12 -21.05
CA LEU A 298 -41.68 -13.76 -21.71
C LEU A 298 -42.11 -12.32 -21.44
N TYR A 299 -41.52 -11.66 -20.45
CA TYR A 299 -41.94 -10.31 -20.07
C TYR A 299 -40.84 -9.62 -19.28
N PRO A 300 -40.66 -8.32 -19.43
CA PRO A 300 -39.73 -7.62 -18.54
C PRO A 300 -40.31 -7.46 -17.14
N VAL A 301 -39.82 -8.28 -16.20
CA VAL A 301 -40.28 -8.24 -14.82
C VAL A 301 -39.05 -8.30 -13.90
N SER A 302 -39.01 -7.39 -12.93
CA SER A 302 -37.95 -7.38 -11.93
C SER A 302 -38.56 -7.06 -10.57
N ALA A 303 -37.80 -7.36 -9.51
CA ALA A 303 -38.33 -7.25 -8.16
C ALA A 303 -37.23 -6.84 -7.20
N VAL A 304 -37.61 -6.03 -6.21
CA VAL A 304 -36.74 -5.64 -5.09
C VAL A 304 -37.38 -6.18 -3.83
N LEU A 305 -36.74 -7.16 -3.19
CA LEU A 305 -37.27 -7.79 -1.99
C LEU A 305 -36.53 -7.27 -0.75
N CYS A 306 -37.29 -6.79 0.23
CA CYS A 306 -36.70 -6.37 1.49
C CYS A 306 -37.80 -6.25 2.54
N ASP A 307 -37.38 -6.10 3.79
CA ASP A 307 -38.28 -6.05 4.92
C ASP A 307 -38.86 -4.65 5.09
N ASP A 308 -39.79 -4.53 6.04
CA ASP A 308 -40.52 -3.30 6.27
C ASP A 308 -39.61 -2.14 6.67
N ASP A 309 -38.63 -2.42 7.54
CA ASP A 309 -37.78 -1.36 8.10
C ASP A 309 -37.01 -0.60 7.03
N ILE A 310 -36.77 -1.20 5.87
CA ILE A 310 -36.14 -0.52 4.76
C ILE A 310 -37.15 -0.09 3.71
N MET A 311 -38.11 -0.96 3.43
CA MET A 311 -39.04 -0.71 2.32
C MET A 311 -39.95 0.49 2.61
N LEU A 312 -40.35 0.67 3.87
CA LEU A 312 -41.32 1.68 4.22
C LEU A 312 -40.71 3.07 4.35
N THR A 313 -39.41 3.22 4.09
CA THR A 313 -38.84 4.55 3.98
C THR A 313 -39.29 5.26 2.71
N ILE A 314 -39.77 4.52 1.73
CA ILE A 314 -40.32 5.10 0.50
C ILE A 314 -41.81 5.28 0.69
N LYS A 315 -42.23 6.52 0.82
CA LYS A 315 -43.61 6.93 1.02
C LYS A 315 -44.37 6.93 -0.31
N PRO A 316 -45.70 6.89 -0.27
CA PRO A 316 -46.47 6.92 -1.52
C PRO A 316 -46.16 8.17 -2.33
N GLY A 317 -46.05 7.99 -3.65
CA GLY A 317 -45.74 9.08 -4.54
C GLY A 317 -44.27 9.42 -4.67
N GLU A 318 -43.38 8.62 -4.10
CA GLU A 318 -41.95 8.92 -4.11
C GLU A 318 -41.13 8.03 -5.03
N HIS A 319 -41.72 6.98 -5.59
CA HIS A 319 -41.02 6.06 -6.48
C HIS A 319 -42.04 5.18 -7.17
N GLY A 320 -41.75 4.81 -8.41
CA GLY A 320 -42.65 3.95 -9.15
C GLY A 320 -42.22 3.80 -10.59
N SER A 321 -43.11 3.18 -11.37
CA SER A 321 -42.91 2.92 -12.79
C SER A 321 -44.27 2.65 -13.42
N THR A 322 -44.39 2.99 -14.71
CA THR A 322 -45.66 2.83 -15.40
C THR A 322 -46.06 1.36 -15.49
N TYR A 323 -45.15 0.52 -15.98
CA TYR A 323 -45.45 -0.89 -16.19
C TYR A 323 -45.10 -1.77 -15.00
N GLY A 324 -44.44 -1.22 -13.98
CA GLY A 324 -44.08 -2.00 -12.81
C GLY A 324 -45.29 -2.52 -12.05
N GLY A 325 -45.42 -3.83 -11.96
CA GLY A 325 -46.52 -4.44 -11.24
C GLY A 325 -47.79 -4.65 -12.04
N ASN A 326 -47.71 -4.62 -13.38
CA ASN A 326 -48.89 -4.84 -14.19
C ASN A 326 -49.34 -6.30 -14.10
N PRO A 327 -50.64 -6.57 -14.30
CA PRO A 327 -51.15 -7.93 -14.11
C PRO A 327 -50.53 -8.97 -15.02
N LEU A 328 -50.21 -8.61 -16.27
CA LEU A 328 -49.63 -9.57 -17.20
C LEU A 328 -48.28 -10.07 -16.69
N GLY A 329 -47.39 -9.14 -16.33
CA GLY A 329 -46.10 -9.53 -15.80
C GLY A 329 -46.20 -10.30 -14.50
N CYS A 330 -47.17 -9.94 -13.66
CA CYS A 330 -47.36 -10.66 -12.40
C CYS A 330 -47.77 -12.11 -12.64
N ARG A 331 -48.72 -12.33 -13.56
CA ARG A 331 -49.10 -13.70 -13.90
C ARG A 331 -47.94 -14.47 -14.50
N VAL A 332 -47.18 -13.83 -15.38
CA VAL A 332 -46.04 -14.48 -16.02
C VAL A 332 -45.00 -14.87 -14.97
N ALA A 333 -44.72 -13.97 -14.03
CA ALA A 333 -43.74 -14.25 -13.00
C ALA A 333 -44.21 -15.37 -12.07
N ILE A 334 -45.51 -15.40 -11.76
CA ILE A 334 -46.04 -16.48 -10.94
C ILE A 334 -45.84 -17.82 -11.65
N ALA A 335 -46.17 -17.87 -12.93
CA ALA A 335 -45.96 -19.11 -13.70
C ALA A 335 -44.49 -19.50 -13.73
N ALA A 336 -43.61 -18.51 -13.93
CA ALA A 336 -42.18 -18.78 -14.06
C ALA A 336 -41.62 -19.34 -12.75
N LEU A 337 -41.99 -18.75 -11.62
CA LEU A 337 -41.49 -19.25 -10.35
C LEU A 337 -42.11 -20.60 -9.99
N GLU A 338 -43.36 -20.82 -10.40
CA GLU A 338 -43.99 -22.11 -10.15
C GLU A 338 -43.30 -23.23 -10.92
N VAL A 339 -42.93 -22.99 -12.18
CA VAL A 339 -42.23 -24.05 -12.91
C VAL A 339 -40.84 -24.29 -12.34
N LEU A 340 -40.20 -23.26 -11.78
CA LEU A 340 -38.92 -23.46 -11.12
C LEU A 340 -39.06 -24.33 -9.89
N GLU A 341 -40.03 -24.01 -9.03
CA GLU A 341 -40.21 -24.77 -7.80
C GLU A 341 -40.66 -26.20 -8.09
N GLU A 342 -41.61 -26.35 -9.01
CA GLU A 342 -42.27 -27.64 -9.22
C GLU A 342 -41.41 -28.64 -9.98
N GLU A 343 -40.42 -28.17 -10.76
CA GLU A 343 -39.60 -29.06 -11.56
C GLU A 343 -38.21 -29.27 -10.96
N ASN A 344 -37.98 -28.79 -9.73
CA ASN A 344 -36.71 -28.93 -9.04
C ASN A 344 -35.53 -28.59 -9.94
N LEU A 345 -35.59 -27.43 -10.60
CA LEU A 345 -34.54 -27.06 -11.54
C LEU A 345 -33.23 -26.74 -10.82
N ALA A 346 -33.29 -26.37 -9.55
CA ALA A 346 -32.07 -26.06 -8.80
C ALA A 346 -31.23 -27.32 -8.57
N GLU A 347 -31.86 -28.42 -8.17
CA GLU A 347 -31.13 -29.65 -7.89
C GLU A 347 -30.53 -30.22 -9.18
N ASN A 348 -31.30 -30.18 -10.26
CA ASN A 348 -30.79 -30.60 -11.56
C ASN A 348 -29.64 -29.70 -12.00
N ALA A 349 -29.75 -28.39 -11.76
CA ALA A 349 -28.66 -27.48 -12.05
C ALA A 349 -27.40 -27.88 -11.28
N ASP A 350 -27.56 -28.23 -10.01
CA ASP A 350 -26.40 -28.63 -9.20
C ASP A 350 -25.72 -29.86 -9.79
N LYS A 351 -26.49 -30.93 -10.02
CA LYS A 351 -25.87 -32.15 -10.54
C LYS A 351 -25.25 -31.92 -11.91
N LEU A 352 -25.96 -31.25 -12.81
CA LEU A 352 -25.45 -31.09 -14.17
C LEU A 352 -24.27 -30.14 -14.21
N GLY A 353 -24.22 -29.16 -13.31
CA GLY A 353 -23.05 -28.29 -13.23
C GLY A 353 -21.81 -29.03 -12.77
N ILE A 354 -21.98 -29.96 -11.82
CA ILE A 354 -20.84 -30.81 -11.45
C ILE A 354 -20.29 -31.51 -12.67
N ILE A 355 -21.16 -32.13 -13.46
CA ILE A 355 -20.74 -32.87 -14.65
C ILE A 355 -20.08 -31.94 -15.65
N LEU A 356 -20.69 -30.78 -15.89
CA LEU A 356 -20.17 -29.85 -16.89
C LEU A 356 -18.78 -29.38 -16.53
N ARG A 357 -18.57 -28.97 -15.27
CA ARG A 357 -17.23 -28.51 -14.88
C ARG A 357 -16.23 -29.65 -14.89
N ASN A 358 -16.62 -30.85 -14.45
CA ASN A 358 -15.69 -31.97 -14.46
C ASN A 358 -15.27 -32.32 -15.89
N GLU A 359 -16.20 -32.25 -16.84
CA GLU A 359 -15.85 -32.54 -18.23
C GLU A 359 -15.00 -31.43 -18.84
N LEU A 360 -15.33 -30.17 -18.53
CA LEU A 360 -14.56 -29.06 -19.09
C LEU A 360 -13.15 -29.00 -18.54
N MET A 361 -12.93 -29.51 -17.31
CA MET A 361 -11.58 -29.54 -16.77
C MET A 361 -10.70 -30.58 -17.47
N LYS A 362 -11.30 -31.57 -18.12
CA LYS A 362 -10.52 -32.54 -18.90
C LYS A 362 -9.92 -31.87 -20.13
N LEU A 363 -10.35 -30.66 -20.45
CA LEU A 363 -9.83 -29.95 -21.60
C LEU A 363 -8.36 -29.58 -21.37
N PRO A 364 -7.54 -29.62 -22.41
CA PRO A 364 -6.10 -29.42 -22.21
C PRO A 364 -5.84 -28.00 -21.75
N SER A 365 -4.85 -27.84 -20.86
CA SER A 365 -4.43 -26.53 -20.41
C SER A 365 -3.71 -25.94 -21.60
N ASP A 366 -3.53 -26.72 -22.67
CA ASP A 366 -2.99 -26.17 -23.91
C ASP A 366 -3.85 -25.02 -24.43
N VAL A 367 -5.16 -25.15 -24.28
CA VAL A 367 -6.11 -24.18 -24.78
C VAL A 367 -6.93 -23.52 -23.67
N VAL A 368 -7.46 -24.31 -22.74
CA VAL A 368 -8.31 -23.81 -21.67
C VAL A 368 -7.42 -23.53 -20.47
N THR A 369 -7.19 -22.24 -20.20
CA THR A 369 -6.40 -21.85 -19.04
C THR A 369 -7.17 -22.00 -17.73
N ALA A 370 -8.49 -21.82 -17.75
CA ALA A 370 -9.23 -21.89 -16.50
C ALA A 370 -10.66 -22.34 -16.76
N VAL A 371 -11.25 -22.98 -15.77
CA VAL A 371 -12.67 -23.35 -15.77
C VAL A 371 -13.25 -22.95 -14.42
N ARG A 372 -14.41 -22.29 -14.44
CA ARG A 372 -15.00 -21.83 -13.18
C ARG A 372 -16.51 -21.76 -13.33
N GLY A 373 -17.19 -21.65 -12.19
CA GLY A 373 -18.63 -21.48 -12.18
C GLY A 373 -19.35 -22.21 -11.07
N LYS A 374 -20.67 -21.98 -10.99
CA LYS A 374 -21.54 -22.69 -10.06
C LYS A 374 -22.84 -23.02 -10.78
N GLY A 375 -23.40 -24.19 -10.44
CA GLY A 375 -24.58 -24.65 -11.13
C GLY A 375 -24.34 -24.73 -12.61
N LEU A 376 -25.29 -24.21 -13.40
CA LEU A 376 -25.12 -24.11 -14.84
C LEU A 376 -24.73 -22.70 -15.28
N LEU A 377 -24.16 -21.91 -14.37
CA LEU A 377 -23.50 -20.65 -14.74
C LEU A 377 -22.00 -20.94 -14.69
N ASN A 378 -21.39 -21.20 -15.84
CA ASN A 378 -19.99 -21.55 -15.89
C ASN A 378 -19.30 -20.76 -17.00
N ALA A 379 -17.97 -20.76 -16.94
CA ALA A 379 -17.18 -20.06 -17.94
C ALA A 379 -15.82 -20.74 -18.05
N ILE A 380 -15.26 -20.68 -19.25
CA ILE A 380 -13.90 -21.15 -19.51
C ILE A 380 -13.07 -19.99 -20.04
N VAL A 381 -11.85 -19.91 -19.55
CA VAL A 381 -10.88 -18.91 -19.98
C VAL A 381 -9.84 -19.62 -20.83
N ILE A 382 -9.77 -19.24 -22.10
CA ILE A 382 -8.90 -19.90 -23.08
C ILE A 382 -7.63 -19.09 -23.24
N LYS A 383 -6.56 -19.75 -23.65
CA LYS A 383 -5.28 -19.09 -23.93
C LYS A 383 -5.39 -18.37 -25.27
N GLU A 384 -5.57 -17.06 -25.23
CA GLU A 384 -5.73 -16.28 -26.45
C GLU A 384 -4.35 -16.03 -27.04
N THR A 385 -4.21 -16.31 -28.34
CA THR A 385 -2.97 -16.09 -29.06
C THR A 385 -3.26 -15.32 -30.35
N LYS A 386 -2.24 -15.21 -31.20
CA LYS A 386 -2.40 -14.54 -32.47
C LYS A 386 -3.30 -15.41 -33.34
N ASP A 387 -3.19 -16.73 -33.22
CA ASP A 387 -3.92 -17.67 -34.05
C ASP A 387 -5.43 -17.58 -33.85
N TRP A 388 -5.89 -17.47 -32.62
CA TRP A 388 -7.29 -17.64 -32.30
C TRP A 388 -7.70 -16.82 -31.08
N ASP A 389 -9.00 -16.64 -30.92
CA ASP A 389 -9.58 -15.97 -29.77
C ASP A 389 -10.96 -16.52 -29.51
N ALA A 390 -11.59 -16.05 -28.44
CA ALA A 390 -12.89 -16.59 -28.02
C ALA A 390 -13.96 -16.35 -29.08
N TRP A 391 -13.85 -15.26 -29.84
CA TRP A 391 -14.80 -14.99 -30.91
C TRP A 391 -14.78 -16.08 -31.97
N LYS A 392 -13.57 -16.50 -32.37
CA LYS A 392 -13.44 -17.58 -33.34
C LYS A 392 -13.98 -18.90 -32.79
N VAL A 393 -13.73 -19.16 -31.50
CA VAL A 393 -14.24 -20.36 -30.86
C VAL A 393 -15.76 -20.37 -30.92
N CYS A 394 -16.39 -19.23 -30.61
CA CYS A 394 -17.84 -19.16 -30.64
C CYS A 394 -18.38 -19.27 -32.06
N LEU A 395 -17.66 -18.72 -33.04
CA LEU A 395 -18.06 -18.90 -34.45
C LEU A 395 -18.08 -20.37 -34.82
N ARG A 396 -17.01 -21.09 -34.48
CA ARG A 396 -16.94 -22.52 -34.80
C ARG A 396 -17.94 -23.34 -33.99
N LEU A 397 -18.23 -22.93 -32.76
CA LEU A 397 -19.29 -23.57 -31.98
C LEU A 397 -20.63 -23.39 -32.65
N ARG A 398 -20.90 -22.20 -33.17
CA ARG A 398 -22.12 -21.97 -33.95
C ARG A 398 -22.17 -22.89 -35.15
N ASP A 399 -21.04 -23.02 -35.86
CA ASP A 399 -20.99 -23.93 -37.01
C ASP A 399 -21.32 -25.35 -36.60
N ASN A 400 -20.97 -25.74 -35.37
CA ASN A 400 -21.18 -27.10 -34.90
C ASN A 400 -22.46 -27.26 -34.09
N GLY A 401 -23.29 -26.22 -33.99
CA GLY A 401 -24.60 -26.36 -33.39
C GLY A 401 -24.71 -25.96 -31.93
N LEU A 402 -23.80 -25.13 -31.42
CA LEU A 402 -23.86 -24.65 -30.06
C LEU A 402 -23.66 -23.14 -30.04
N LEU A 403 -24.50 -22.42 -29.30
CA LEU A 403 -24.47 -20.97 -29.27
C LEU A 403 -23.89 -20.50 -27.94
N ALA A 404 -22.80 -19.75 -28.01
CA ALA A 404 -22.16 -19.16 -26.84
C ALA A 404 -21.57 -17.81 -27.25
N LYS A 405 -21.34 -16.95 -26.25
CA LYS A 405 -20.88 -15.61 -26.51
C LYS A 405 -19.63 -15.31 -25.67
N PRO A 406 -18.65 -14.62 -26.26
CA PRO A 406 -17.47 -14.19 -25.49
C PRO A 406 -17.68 -12.83 -24.84
N THR A 407 -17.13 -12.69 -23.63
CA THR A 407 -17.32 -11.50 -22.83
C THR A 407 -16.04 -10.77 -22.50
N HIS A 408 -14.87 -11.35 -22.80
CA HIS A 408 -13.60 -10.71 -22.46
C HIS A 408 -12.61 -10.81 -23.62
N GLY A 409 -12.91 -11.65 -24.61
CA GLY A 409 -11.97 -12.01 -25.63
C GLY A 409 -11.23 -13.32 -25.35
N ASP A 410 -11.24 -13.77 -24.11
CA ASP A 410 -10.73 -15.08 -23.73
C ASP A 410 -11.71 -15.88 -22.89
N ILE A 411 -12.81 -15.28 -22.44
CA ILE A 411 -13.77 -15.94 -21.57
C ILE A 411 -15.00 -16.31 -22.40
N ILE A 412 -15.40 -17.58 -22.31
CA ILE A 412 -16.57 -18.10 -23.01
C ILE A 412 -17.55 -18.59 -21.96
N ARG A 413 -18.80 -18.14 -22.04
CA ARG A 413 -19.84 -18.48 -21.10
C ARG A 413 -20.56 -19.75 -21.53
N PHE A 414 -20.82 -20.63 -20.56
CA PHE A 414 -21.64 -21.82 -20.76
C PHE A 414 -22.76 -21.74 -19.73
N ALA A 415 -23.98 -21.53 -20.22
CA ALA A 415 -25.16 -21.34 -19.38
C ALA A 415 -26.39 -21.83 -20.12
N PRO A 416 -26.56 -23.14 -20.22
CA PRO A 416 -27.76 -23.69 -20.87
C PRO A 416 -28.96 -23.57 -19.97
N PRO A 417 -30.17 -23.67 -20.51
CA PRO A 417 -31.36 -23.65 -19.67
C PRO A 417 -31.33 -24.80 -18.66
N LEU A 418 -31.90 -24.55 -17.48
CA LEU A 418 -31.85 -25.50 -16.39
C LEU A 418 -32.70 -26.74 -16.65
N VAL A 419 -33.51 -26.75 -17.71
CA VAL A 419 -34.29 -27.93 -18.07
C VAL A 419 -33.52 -28.93 -18.92
N ILE A 420 -32.20 -28.74 -19.05
CA ILE A 420 -31.39 -29.70 -19.79
C ILE A 420 -31.41 -31.05 -19.08
N LYS A 421 -31.41 -32.12 -19.87
CA LYS A 421 -31.20 -33.46 -19.36
C LYS A 421 -29.74 -33.86 -19.54
N GLU A 422 -29.37 -35.00 -18.95
CA GLU A 422 -27.97 -35.39 -18.91
C GLU A 422 -27.43 -35.69 -20.30
N ASP A 423 -28.21 -36.38 -21.14
CA ASP A 423 -27.73 -36.76 -22.46
C ASP A 423 -27.54 -35.55 -23.36
N GLU A 424 -28.48 -34.59 -23.30
CA GLU A 424 -28.34 -33.37 -24.08
C GLU A 424 -27.08 -32.61 -23.66
N LEU A 425 -26.85 -32.52 -22.35
CA LEU A 425 -25.64 -31.87 -21.84
C LEU A 425 -24.39 -32.58 -22.32
N ARG A 426 -24.42 -33.91 -22.34
CA ARG A 426 -23.25 -34.68 -22.75
C ARG A 426 -22.94 -34.48 -24.23
N GLU A 427 -23.97 -34.45 -25.08
CA GLU A 427 -23.71 -34.22 -26.50
C GLU A 427 -23.28 -32.78 -26.76
N SER A 428 -23.79 -31.83 -25.96
CA SER A 428 -23.29 -30.46 -26.04
C SER A 428 -21.83 -30.38 -25.65
N ILE A 429 -21.44 -31.13 -24.61
CA ILE A 429 -20.05 -31.20 -24.21
C ILE A 429 -19.20 -31.80 -25.32
N GLU A 430 -19.75 -32.80 -26.02
CA GLU A 430 -19.05 -33.38 -27.17
C GLU A 430 -18.83 -32.33 -28.25
N ILE A 431 -19.84 -31.52 -28.52
CA ILE A 431 -19.69 -30.44 -29.51
C ILE A 431 -18.60 -29.47 -29.08
N ILE A 432 -18.60 -29.10 -27.79
CA ILE A 432 -17.59 -28.17 -27.28
C ILE A 432 -16.20 -28.77 -27.43
N ASN A 433 -16.05 -30.06 -27.10
CA ASN A 433 -14.76 -30.73 -27.23
C ASN A 433 -14.29 -30.72 -28.68
N LYS A 434 -15.18 -31.06 -29.61
CA LYS A 434 -14.83 -31.06 -31.02
C LYS A 434 -14.36 -29.68 -31.47
N THR A 435 -15.12 -28.64 -31.12
CA THR A 435 -14.77 -27.29 -31.52
C THR A 435 -13.43 -26.87 -30.94
N ILE A 436 -13.20 -27.17 -29.66
CA ILE A 436 -11.96 -26.75 -29.00
C ILE A 436 -10.76 -27.48 -29.61
N LEU A 437 -10.89 -28.79 -29.82
CA LEU A 437 -9.78 -29.60 -30.31
C LEU A 437 -9.65 -29.57 -31.82
N SER A 438 -10.49 -28.79 -32.51
CA SER A 438 -10.32 -28.58 -33.93
C SER A 438 -9.39 -27.42 -34.28
N PHE A 439 -8.94 -26.65 -33.30
CA PHE A 439 -8.04 -25.52 -33.55
C PHE A 439 -6.58 -25.96 -33.50
N PRO B 38 29.84 -20.90 12.01
CA PRO B 38 28.48 -20.64 11.53
C PRO B 38 28.15 -21.23 10.17
N THR B 39 27.21 -22.16 10.16
CA THR B 39 26.64 -22.68 8.92
C THR B 39 25.46 -21.81 8.51
N SER B 40 24.67 -22.30 7.55
CA SER B 40 23.44 -21.62 7.20
C SER B 40 22.37 -21.85 8.25
N ASP B 41 22.30 -23.07 8.79
CA ASP B 41 21.24 -23.45 9.73
C ASP B 41 21.28 -22.60 10.99
N ASP B 42 22.47 -22.41 11.58
CA ASP B 42 22.52 -21.68 12.84
C ASP B 42 22.30 -20.19 12.63
N ILE B 43 22.67 -19.66 11.46
CA ILE B 43 22.32 -18.27 11.14
C ILE B 43 20.81 -18.11 11.06
N PHE B 44 20.14 -19.03 10.36
CA PHE B 44 18.68 -19.00 10.30
C PHE B 44 18.09 -19.08 11.71
N GLU B 45 18.62 -19.98 12.54
CA GLU B 45 18.06 -20.19 13.87
C GLU B 45 18.30 -19.00 14.77
N ARG B 46 19.46 -18.35 14.64
CA ARG B 46 19.73 -17.15 15.42
C ARG B 46 18.76 -16.03 15.05
N GLU B 47 18.53 -15.85 13.74
CA GLU B 47 17.54 -14.86 13.31
C GLU B 47 16.15 -15.20 13.85
N TYR B 48 15.79 -16.48 13.79
CA TYR B 48 14.47 -16.90 14.27
C TYR B 48 14.32 -16.65 15.77
N LYS B 49 15.39 -16.89 16.54
CA LYS B 49 15.30 -16.77 17.98
C LYS B 49 15.29 -15.31 18.43
N TYR B 50 16.17 -14.48 17.88
CA TYR B 50 16.33 -13.13 18.40
C TYR B 50 15.70 -12.05 17.54
N GLY B 51 15.35 -12.35 16.30
CA GLY B 51 14.80 -11.36 15.39
C GLY B 51 13.30 -11.51 15.20
N ALA B 52 12.66 -10.41 14.82
CA ALA B 52 11.24 -10.44 14.51
C ALA B 52 10.98 -11.29 13.27
N HIS B 53 9.77 -11.81 13.19
CA HIS B 53 9.39 -12.72 12.10
C HIS B 53 8.55 -12.00 11.05
N ASN B 54 8.91 -10.75 10.75
CA ASN B 54 8.20 -9.99 9.73
C ASN B 54 8.63 -10.35 8.31
N TYR B 55 9.60 -11.25 8.16
CA TYR B 55 10.03 -11.75 6.86
C TYR B 55 10.13 -13.27 6.89
N HIS B 56 10.02 -13.88 5.71
CA HIS B 56 10.35 -15.29 5.49
C HIS B 56 11.29 -15.37 4.31
N PRO B 57 12.57 -15.09 4.51
CA PRO B 57 13.52 -15.05 3.38
C PRO B 57 13.78 -16.43 2.81
N LEU B 58 14.29 -16.43 1.58
CA LEU B 58 14.75 -17.66 0.95
C LEU B 58 15.89 -18.25 1.76
N PRO B 59 15.95 -19.57 1.96
CA PRO B 59 16.97 -20.14 2.86
C PRO B 59 18.38 -20.07 2.31
N VAL B 60 18.93 -18.86 2.22
CA VAL B 60 20.35 -18.66 1.91
C VAL B 60 20.90 -17.59 2.84
N ALA B 61 22.09 -17.85 3.39
CA ALA B 61 22.75 -16.95 4.32
C ALA B 61 23.99 -16.40 3.62
N LEU B 62 23.86 -15.25 2.97
CA LEU B 62 24.95 -14.66 2.22
C LEU B 62 25.91 -13.94 3.15
N GLU B 63 27.19 -13.95 2.80
CA GLU B 63 28.21 -13.25 3.56
C GLU B 63 29.15 -12.40 2.72
N ARG B 64 29.23 -12.63 1.41
CA ARG B 64 30.07 -11.80 0.55
C ARG B 64 29.30 -11.39 -0.69
N GLY B 65 29.60 -10.22 -1.21
CA GLY B 65 28.95 -9.75 -2.42
C GLY B 65 29.83 -8.89 -3.27
N LYS B 66 29.85 -9.13 -4.58
CA LYS B 66 30.70 -8.33 -5.47
C LYS B 66 30.04 -8.25 -6.84
N GLY B 67 29.72 -7.04 -7.26
CA GLY B 67 29.13 -6.85 -8.58
C GLY B 67 27.86 -7.64 -8.73
N ILE B 68 27.95 -8.72 -9.51
CA ILE B 68 26.80 -9.55 -9.83
C ILE B 68 26.66 -10.73 -8.87
N TYR B 69 27.75 -11.16 -8.25
CA TYR B 69 27.78 -12.44 -7.55
C TYR B 69 27.60 -12.26 -6.06
N LEU B 70 26.96 -13.25 -5.44
CA LEU B 70 26.87 -13.36 -3.99
C LEU B 70 27.48 -14.68 -3.55
N TRP B 71 28.00 -14.70 -2.33
CA TRP B 71 28.60 -15.89 -1.75
C TRP B 71 28.04 -16.10 -0.35
N ASP B 72 27.53 -17.31 -0.11
CA ASP B 72 27.02 -17.68 1.19
C ASP B 72 28.14 -18.10 2.12
N VAL B 73 27.77 -18.44 3.36
CA VAL B 73 28.77 -18.79 4.35
C VAL B 73 29.44 -20.12 4.03
N GLU B 74 28.85 -20.93 3.16
CA GLU B 74 29.48 -22.17 2.71
C GLU B 74 30.41 -21.97 1.52
N GLY B 75 30.53 -20.73 1.01
CA GLY B 75 31.38 -20.46 -0.12
C GLY B 75 30.75 -20.69 -1.48
N ARG B 76 29.46 -21.02 -1.54
CA ARG B 76 28.79 -21.22 -2.82
C ARG B 76 28.62 -19.89 -3.55
N LYS B 77 28.64 -19.96 -4.88
CA LYS B 77 28.55 -18.78 -5.73
C LYS B 77 27.16 -18.71 -6.35
N TYR B 78 26.54 -17.53 -6.30
CA TYR B 78 25.19 -17.33 -6.76
C TYR B 78 25.11 -16.10 -7.66
N PHE B 79 24.36 -16.23 -8.76
CA PHE B 79 23.94 -15.08 -9.55
C PHE B 79 22.85 -14.33 -8.79
N ASP B 80 23.06 -13.04 -8.56
CA ASP B 80 22.04 -12.21 -7.93
C ASP B 80 21.09 -11.70 -9.00
N PHE B 81 19.86 -12.21 -9.00
CA PHE B 81 18.83 -11.77 -9.94
C PHE B 81 17.69 -11.03 -9.24
N LEU B 82 17.95 -10.51 -8.04
CA LEU B 82 17.03 -9.62 -7.34
C LEU B 82 17.60 -8.23 -7.14
N SER B 83 18.92 -8.11 -6.99
CA SER B 83 19.60 -6.82 -6.88
C SER B 83 19.06 -5.99 -5.72
N SER B 84 18.72 -6.66 -4.63
CA SER B 84 18.21 -6.00 -3.43
C SER B 84 17.05 -5.06 -3.77
N TYR B 85 16.11 -5.58 -4.57
CA TYR B 85 14.98 -4.80 -5.07
C TYR B 85 15.44 -3.58 -5.86
N SER B 86 16.41 -3.78 -6.74
CA SER B 86 16.98 -2.76 -7.62
C SER B 86 17.79 -1.71 -6.87
N ALA B 87 18.33 -2.04 -5.70
CA ALA B 87 19.13 -1.09 -4.94
C ALA B 87 20.62 -1.21 -5.22
N VAL B 88 21.07 -2.32 -5.81
CA VAL B 88 22.48 -2.51 -6.14
C VAL B 88 22.62 -2.61 -7.65
N ASN B 89 21.80 -1.84 -8.38
CA ASN B 89 21.91 -1.75 -9.83
C ASN B 89 23.37 -1.67 -10.29
N GLN B 90 24.18 -0.90 -9.57
CA GLN B 90 25.60 -0.73 -9.88
C GLN B 90 26.45 -1.92 -9.46
N GLY B 91 25.84 -2.99 -8.96
CA GLY B 91 26.57 -4.13 -8.45
C GLY B 91 26.91 -3.98 -6.98
N HIS B 92 27.19 -5.12 -6.35
CA HIS B 92 27.54 -5.13 -4.94
C HIS B 92 28.94 -4.58 -4.74
N CYS B 93 29.08 -3.66 -3.79
CA CYS B 93 30.38 -3.13 -3.36
C CYS B 93 31.17 -2.56 -4.54
N HIS B 94 30.53 -1.66 -5.29
CA HIS B 94 31.21 -1.05 -6.43
C HIS B 94 32.38 -0.20 -5.94
N PRO B 95 33.56 -0.35 -6.52
CA PRO B 95 34.76 0.30 -5.96
C PRO B 95 34.65 1.82 -5.81
N LYS B 96 34.02 2.50 -6.77
CA LYS B 96 33.94 3.96 -6.69
C LYS B 96 33.10 4.40 -5.49
N ILE B 97 31.92 3.79 -5.32
CA ILE B 97 31.05 4.16 -4.20
C ILE B 97 31.70 3.79 -2.87
N VAL B 98 32.34 2.62 -2.80
CA VAL B 98 33.03 2.20 -1.59
C VAL B 98 34.13 3.19 -1.23
N ASN B 99 34.90 3.62 -2.23
CA ASN B 99 36.00 4.56 -1.98
C ASN B 99 35.47 5.93 -1.57
N ALA B 100 34.37 6.39 -2.17
CA ALA B 100 33.77 7.65 -1.73
C ALA B 100 33.30 7.57 -0.28
N LEU B 101 32.66 6.45 0.08
CA LEU B 101 32.26 6.22 1.46
C LEU B 101 33.45 6.23 2.40
N LYS B 102 34.53 5.55 2.03
CA LYS B 102 35.72 5.50 2.87
C LYS B 102 36.37 6.88 3.01
N SER B 103 36.40 7.65 1.93
CA SER B 103 36.99 8.98 1.99
C SER B 103 36.17 9.91 2.88
N GLN B 104 34.84 9.85 2.78
CA GLN B 104 34.02 10.76 3.56
C GLN B 104 33.93 10.36 5.03
N VAL B 105 33.95 9.05 5.32
CA VAL B 105 33.72 8.59 6.69
C VAL B 105 34.80 9.06 7.63
N ASP B 106 36.02 9.29 7.13
CA ASP B 106 37.09 9.76 8.00
C ASP B 106 37.00 11.26 8.31
N LYS B 107 36.21 12.00 7.53
CA LYS B 107 36.13 13.45 7.67
C LYS B 107 34.92 13.91 8.46
N LEU B 108 33.72 13.55 8.00
CA LEU B 108 32.49 14.06 8.58
C LEU B 108 31.31 13.21 8.12
N THR B 109 30.51 12.70 9.07
CA THR B 109 29.42 11.80 8.73
C THR B 109 28.04 12.36 9.06
N LEU B 110 27.90 13.16 10.11
CA LEU B 110 26.59 13.67 10.49
C LEU B 110 26.75 14.90 11.37
N THR B 111 26.27 16.05 10.88
CA THR B 111 26.20 17.26 11.69
C THR B 111 24.77 17.61 12.09
N SER B 112 23.78 16.87 11.57
CA SER B 112 22.37 17.24 11.61
C SER B 112 22.13 18.48 10.77
N ARG B 113 20.88 18.72 10.38
CA ARG B 113 20.55 19.87 9.55
C ARG B 113 20.34 21.14 10.36
N ALA B 114 20.62 21.08 11.67
CA ALA B 114 20.73 22.30 12.47
C ALA B 114 21.85 23.20 11.97
N PHE B 115 22.85 22.65 11.30
CA PHE B 115 23.90 23.38 10.63
C PHE B 115 24.07 22.84 9.23
N TYR B 116 24.75 23.60 8.38
CA TYR B 116 25.09 23.13 7.04
C TYR B 116 26.36 22.28 7.10
N ASN B 117 26.48 21.35 6.16
CA ASN B 117 27.73 20.68 5.88
C ASN B 117 28.20 21.06 4.48
N ASN B 118 29.44 20.71 4.17
CA ASN B 118 30.07 21.14 2.92
C ASN B 118 29.71 20.26 1.73
N VAL B 119 29.01 19.15 1.95
CA VAL B 119 28.76 18.17 0.90
C VAL B 119 27.35 18.26 0.36
N LEU B 120 26.38 18.66 1.18
CA LEU B 120 24.98 18.58 0.80
C LEU B 120 24.68 19.43 -0.43
N GLY B 121 25.22 20.65 -0.47
CA GLY B 121 24.96 21.54 -1.59
C GLY B 121 25.53 20.97 -2.88
N GLU B 122 26.70 20.34 -2.80
CA GLU B 122 27.30 19.72 -3.97
C GLU B 122 26.39 18.64 -4.57
N TYR B 123 25.88 17.76 -3.72
CA TYR B 123 25.00 16.69 -4.18
C TYR B 123 23.66 17.23 -4.67
N GLU B 124 23.11 18.23 -3.99
CA GLU B 124 21.84 18.81 -4.42
C GLU B 124 21.96 19.43 -5.81
N GLU B 125 23.04 20.19 -6.06
CA GLU B 125 23.25 20.74 -7.39
C GLU B 125 23.39 19.64 -8.43
N TYR B 126 24.18 18.61 -8.11
CA TYR B 126 24.40 17.51 -9.04
C TYR B 126 23.09 16.85 -9.44
N ILE B 127 22.28 16.46 -8.44
CA ILE B 127 21.04 15.75 -8.72
C ILE B 127 20.04 16.65 -9.44
N THR B 128 19.92 17.91 -9.02
CA THR B 128 18.95 18.81 -9.62
C THR B 128 19.17 19.04 -11.11
N LYS B 129 20.40 19.37 -11.52
CA LYS B 129 20.68 19.50 -12.94
C LYS B 129 20.51 18.18 -13.69
N LEU B 130 21.02 17.08 -13.10
CA LEU B 130 21.02 15.81 -13.80
C LEU B 130 19.59 15.44 -14.19
N PHE B 131 18.64 15.62 -13.28
CA PHE B 131 17.25 15.25 -13.57
C PHE B 131 16.38 16.41 -14.02
N ASN B 132 16.94 17.62 -14.15
CA ASN B 132 16.23 18.78 -14.68
C ASN B 132 15.06 19.17 -13.79
N TYR B 133 15.30 19.24 -12.48
CA TYR B 133 14.34 19.80 -11.54
C TYR B 133 15.06 20.86 -10.70
N HIS B 134 14.30 21.85 -10.25
CA HIS B 134 14.90 22.97 -9.54
C HIS B 134 15.44 22.55 -8.19
N LYS B 135 14.67 21.76 -7.43
CA LYS B 135 14.98 21.51 -6.04
C LYS B 135 14.81 20.04 -5.69
N VAL B 136 15.58 19.61 -4.69
CA VAL B 136 15.53 18.24 -4.16
C VAL B 136 15.44 18.31 -2.64
N LEU B 137 14.52 17.53 -2.08
CA LEU B 137 14.46 17.32 -0.63
C LEU B 137 15.08 15.97 -0.32
N PRO B 138 16.17 15.92 0.44
CA PRO B 138 16.80 14.64 0.76
C PRO B 138 16.15 13.97 1.95
N MET B 139 15.98 12.65 1.84
CA MET B 139 15.50 11.80 2.92
C MET B 139 16.35 10.54 2.91
N ASN B 140 15.94 9.55 3.71
CA ASN B 140 16.73 8.34 3.88
C ASN B 140 16.14 7.14 3.15
N THR B 141 14.88 6.81 3.40
CA THR B 141 14.25 5.65 2.80
C THR B 141 13.19 6.07 1.79
N GLY B 142 12.77 5.10 0.97
CA GLY B 142 11.78 5.39 -0.06
C GLY B 142 10.44 5.81 0.52
N VAL B 143 10.01 5.16 1.61
CA VAL B 143 8.73 5.51 2.21
C VAL B 143 8.78 6.93 2.77
N GLU B 144 9.94 7.37 3.25
CA GLU B 144 10.07 8.76 3.69
C GLU B 144 9.89 9.73 2.53
N ALA B 145 10.44 9.39 1.36
CA ALA B 145 10.22 10.23 0.19
C ALA B 145 8.76 10.25 -0.21
N GLY B 146 8.07 9.10 -0.13
CA GLY B 146 6.65 9.07 -0.44
C GLY B 146 5.83 9.91 0.52
N GLU B 147 6.16 9.84 1.81
CA GLU B 147 5.50 10.68 2.81
C GLU B 147 5.75 12.15 2.53
N THR B 148 6.98 12.51 2.18
CA THR B 148 7.28 13.87 1.80
C THR B 148 6.46 14.31 0.59
N ALA B 149 6.31 13.41 -0.38
CA ALA B 149 5.52 13.73 -1.57
C ALA B 149 4.07 14.00 -1.22
N CYS B 150 3.49 13.16 -0.35
CA CYS B 150 2.11 13.38 0.07
C CYS B 150 1.96 14.69 0.84
N LYS B 151 2.92 14.98 1.73
CA LYS B 151 2.90 16.24 2.46
C LYS B 151 2.97 17.43 1.51
N LEU B 152 3.85 17.33 0.52
CA LEU B 152 3.99 18.38 -0.49
C LEU B 152 2.69 18.58 -1.26
N ALA B 153 2.08 17.47 -1.68
CA ALA B 153 0.83 17.54 -2.43
C ALA B 153 -0.26 18.21 -1.63
N ARG B 154 -0.38 17.83 -0.35
CA ARG B 154 -1.41 18.41 0.50
C ARG B 154 -1.17 19.91 0.73
N LYS B 155 0.08 20.28 1.04
CA LYS B 155 0.38 21.68 1.28
C LYS B 155 0.21 22.51 0.01
N TRP B 156 0.54 21.96 -1.15
CA TRP B 156 0.37 22.68 -2.41
C TRP B 156 -1.10 22.85 -2.73
N GLY B 157 -1.91 21.83 -2.47
CA GLY B 157 -3.34 21.97 -2.70
C GLY B 157 -3.98 22.99 -1.78
N TYR B 158 -3.52 23.07 -0.53
CA TYR B 158 -4.12 24.03 0.40
C TYR B 158 -3.60 25.45 0.18
N THR B 159 -2.36 25.60 -0.27
CA THR B 159 -1.74 26.92 -0.36
C THR B 159 -1.68 27.48 -1.77
N VAL B 160 -1.69 26.62 -2.80
CA VAL B 160 -1.56 27.04 -4.19
C VAL B 160 -2.83 26.76 -4.98
N LYS B 161 -3.36 25.54 -4.90
CA LYS B 161 -4.52 25.16 -5.69
C LYS B 161 -5.81 25.77 -5.15
N GLY B 162 -5.87 26.05 -3.85
CA GLY B 162 -7.06 26.65 -3.28
C GLY B 162 -8.05 25.68 -2.69
N ILE B 163 -7.65 24.43 -2.47
CA ILE B 163 -8.54 23.46 -1.83
C ILE B 163 -8.81 23.82 -0.37
N GLN B 164 -10.05 23.60 0.05
CA GLN B 164 -10.43 23.84 1.43
C GLN B 164 -9.71 22.87 2.35
N LYS B 165 -9.45 23.32 3.58
CA LYS B 165 -8.51 22.65 4.46
C LYS B 165 -9.01 21.24 4.76
N TYR B 166 -8.14 20.26 4.50
CA TYR B 166 -8.28 18.87 4.93
C TYR B 166 -9.36 18.13 4.14
N LYS B 167 -9.74 18.69 2.99
CA LYS B 167 -10.54 18.00 2.00
C LYS B 167 -9.72 17.47 0.83
N ALA B 168 -8.41 17.67 0.86
CA ALA B 168 -7.56 17.29 -0.27
C ALA B 168 -7.44 15.78 -0.39
N LYS B 169 -7.52 15.27 -1.61
CA LYS B 169 -7.40 13.85 -1.88
C LYS B 169 -6.13 13.57 -2.67
N ILE B 170 -5.60 12.36 -2.50
CA ILE B 170 -4.49 11.85 -3.30
C ILE B 170 -4.92 10.51 -3.88
N VAL B 171 -4.71 10.33 -5.18
CA VAL B 171 -5.14 9.13 -5.88
C VAL B 171 -3.94 8.22 -6.10
N PHE B 172 -4.17 6.92 -5.93
CA PHE B 172 -3.15 5.89 -6.13
C PHE B 172 -3.72 4.83 -7.06
N ALA B 173 -2.83 3.99 -7.57
CA ALA B 173 -3.21 2.90 -8.45
C ALA B 173 -3.21 1.59 -7.68
N ALA B 174 -4.19 0.73 -8.00
CA ALA B 174 -4.23 -0.59 -7.38
C ALA B 174 -2.94 -1.36 -7.67
N GLY B 175 -2.46 -2.08 -6.67
CA GLY B 175 -1.20 -2.76 -6.75
C GLY B 175 0.00 -1.92 -6.35
N ASN B 176 -0.21 -0.66 -5.98
CA ASN B 176 0.90 0.22 -5.63
C ASN B 176 1.60 -0.25 -4.37
N PHE B 177 2.91 -0.02 -4.31
CA PHE B 177 3.69 -0.18 -3.09
C PHE B 177 4.68 0.96 -2.99
N TRP B 178 4.66 1.66 -1.85
CA TRP B 178 5.68 2.68 -1.62
C TRP B 178 6.14 2.72 -0.17
N GLY B 179 5.98 1.64 0.58
CA GLY B 179 6.47 1.55 1.93
C GLY B 179 5.48 0.85 2.85
N ARG B 180 5.78 0.89 4.14
CA ARG B 180 4.99 0.17 5.13
C ARG B 180 4.60 1.03 6.33
N THR B 181 4.71 2.36 6.22
CA THR B 181 4.15 3.22 7.24
C THR B 181 2.62 3.11 7.23
N LEU B 182 2.00 3.72 8.23
CA LEU B 182 0.54 3.71 8.31
C LEU B 182 -0.08 4.38 7.09
N SER B 183 0.47 5.51 6.66
CA SER B 183 0.00 6.16 5.44
C SER B 183 0.19 5.27 4.23
N ALA B 184 1.36 4.63 4.12
CA ALA B 184 1.64 3.79 2.96
C ALA B 184 0.70 2.60 2.88
N ILE B 185 0.44 1.95 4.00
CA ILE B 185 -0.48 0.80 3.99
C ILE B 185 -1.92 1.26 3.83
N SER B 186 -2.21 2.52 4.17
CA SER B 186 -3.57 3.04 3.98
C SER B 186 -3.96 3.11 2.51
N SER B 187 -2.97 3.20 1.62
CA SER B 187 -3.23 3.26 0.19
C SER B 187 -3.02 1.93 -0.52
N SER B 188 -2.68 0.87 0.21
CA SER B 188 -2.39 -0.41 -0.41
C SER B 188 -3.67 -1.20 -0.67
N THR B 189 -3.67 -1.94 -1.78
CA THR B 189 -4.71 -2.92 -2.06
C THR B 189 -4.31 -4.33 -1.69
N ASP B 190 -3.11 -4.51 -1.13
CA ASP B 190 -2.68 -5.81 -0.63
C ASP B 190 -3.18 -5.98 0.79
N PRO B 191 -4.06 -6.95 1.05
CA PRO B 191 -4.60 -7.11 2.40
C PRO B 191 -3.53 -7.40 3.45
N THR B 192 -2.47 -8.12 3.09
CA THR B 192 -1.41 -8.40 4.07
C THR B 192 -0.73 -7.13 4.53
N SER B 193 -0.76 -6.07 3.71
CA SER B 193 -0.08 -4.83 4.08
C SER B 193 -0.86 -4.03 5.11
N TYR B 194 -2.19 -4.02 5.03
CA TYR B 194 -2.99 -3.13 5.85
C TYR B 194 -3.95 -3.82 6.81
N ASP B 195 -4.27 -5.10 6.62
CA ASP B 195 -5.25 -5.76 7.48
C ASP B 195 -4.72 -5.86 8.91
N GLY B 196 -5.55 -5.47 9.87
CA GLY B 196 -5.18 -5.54 11.26
C GLY B 196 -4.29 -4.42 11.76
N PHE B 197 -4.02 -3.41 10.94
CA PHE B 197 -3.15 -2.31 11.32
C PHE B 197 -3.93 -1.03 11.64
N GLY B 198 -5.10 -1.18 12.26
CA GLY B 198 -5.81 -0.05 12.84
C GLY B 198 -6.51 0.81 11.82
N PRO B 199 -7.06 1.93 12.29
CA PRO B 199 -7.66 2.89 11.37
C PRO B 199 -6.64 3.37 10.37
N PHE B 200 -7.12 3.98 9.30
CA PHE B 200 -6.29 4.24 8.14
C PHE B 200 -6.33 5.73 7.79
N MET B 201 -5.31 6.15 7.07
CA MET B 201 -5.14 7.54 6.69
C MET B 201 -6.28 7.97 5.76
N PRO B 202 -7.08 8.96 6.14
CA PRO B 202 -8.10 9.47 5.21
C PRO B 202 -7.47 10.33 4.11
N GLY B 203 -8.23 10.49 3.04
CA GLY B 203 -7.79 11.29 1.92
C GLY B 203 -7.12 10.53 0.80
N PHE B 204 -7.21 9.20 0.78
CA PHE B 204 -6.59 8.38 -0.24
C PHE B 204 -7.67 7.69 -1.07
N ASP B 205 -7.65 7.92 -2.38
CA ASP B 205 -8.49 7.22 -3.33
C ASP B 205 -7.64 6.21 -4.10
N ILE B 206 -8.27 5.13 -4.53
CA ILE B 206 -7.57 4.08 -5.28
C ILE B 206 -8.35 3.81 -6.56
N ILE B 207 -7.62 3.74 -7.67
CA ILE B 207 -8.21 3.45 -8.97
C ILE B 207 -7.39 2.35 -9.63
N PRO B 208 -7.98 1.63 -10.59
CA PRO B 208 -7.21 0.58 -11.28
C PRO B 208 -5.99 1.15 -12.01
N TYR B 209 -4.92 0.38 -12.00
CA TYR B 209 -3.71 0.71 -12.74
C TYR B 209 -3.96 0.59 -14.24
N ASN B 210 -3.17 1.32 -15.02
CA ASN B 210 -3.21 1.23 -16.49
C ASN B 210 -4.62 1.48 -17.02
N ASP B 211 -5.28 2.50 -16.46
CA ASP B 211 -6.68 2.80 -16.77
C ASP B 211 -6.84 4.31 -16.84
N LEU B 212 -6.66 4.87 -18.04
CA LEU B 212 -6.80 6.30 -18.27
C LEU B 212 -8.22 6.81 -18.03
N PRO B 213 -9.27 6.12 -18.51
CA PRO B 213 -10.63 6.56 -18.17
C PRO B 213 -10.91 6.59 -16.68
N ALA B 214 -10.35 5.66 -15.90
CA ALA B 214 -10.55 5.69 -14.46
C ALA B 214 -9.93 6.93 -13.83
N LEU B 215 -8.71 7.28 -14.26
CA LEU B 215 -8.08 8.51 -13.77
C LEU B 215 -8.87 9.74 -14.19
N GLU B 216 -9.37 9.75 -15.42
CA GLU B 216 -10.20 10.86 -15.89
C GLU B 216 -11.45 11.02 -15.03
N ARG B 217 -12.11 9.90 -14.74
CA ARG B 217 -13.30 9.94 -13.90
C ARG B 217 -12.98 10.42 -12.48
N ALA B 218 -11.88 9.93 -11.91
CA ALA B 218 -11.52 10.29 -10.56
C ALA B 218 -11.11 11.76 -10.46
N LEU B 219 -10.51 12.30 -11.50
CA LEU B 219 -10.01 13.67 -11.48
C LEU B 219 -11.11 14.71 -11.64
N GLN B 220 -12.37 14.29 -11.82
CA GLN B 220 -13.46 15.25 -11.84
C GLN B 220 -13.70 15.88 -10.47
N ASP B 221 -13.23 15.25 -9.40
CA ASP B 221 -13.32 15.82 -8.07
C ASP B 221 -12.28 16.94 -7.94
N PRO B 222 -12.69 18.19 -7.73
CA PRO B 222 -11.71 19.29 -7.72
C PRO B 222 -10.80 19.29 -6.50
N ASN B 223 -11.12 18.50 -5.47
CA ASN B 223 -10.27 18.46 -4.27
C ASN B 223 -9.09 17.52 -4.42
N VAL B 224 -8.95 16.83 -5.54
CA VAL B 224 -7.80 15.97 -5.78
C VAL B 224 -6.57 16.85 -5.94
N ALA B 225 -5.55 16.59 -5.13
CA ALA B 225 -4.32 17.37 -5.16
C ALA B 225 -3.22 16.71 -5.99
N ALA B 226 -3.14 15.38 -5.97
CA ALA B 226 -2.07 14.71 -6.68
C ALA B 226 -2.48 13.27 -6.97
N PHE B 227 -1.86 12.70 -8.00
CA PHE B 227 -1.96 11.29 -8.36
C PHE B 227 -0.55 10.71 -8.33
N MET B 228 -0.34 9.75 -7.43
CA MET B 228 0.94 9.06 -7.29
C MET B 228 0.87 7.72 -8.01
N VAL B 229 1.89 7.43 -8.82
CA VAL B 229 1.86 6.22 -9.64
C VAL B 229 3.30 5.79 -9.92
N GLU B 230 3.47 4.47 -10.13
CA GLU B 230 4.71 3.84 -10.57
C GLU B 230 4.65 3.60 -12.07
N PRO B 231 5.66 4.03 -12.82
CA PRO B 231 5.66 3.75 -14.27
C PRO B 231 5.61 2.27 -14.57
N ILE B 232 6.29 1.45 -13.77
CA ILE B 232 6.14 0.00 -13.76
C ILE B 232 5.97 -0.44 -12.33
N GLN B 233 4.88 -1.15 -12.04
CA GLN B 233 4.60 -1.61 -10.69
C GLN B 233 5.48 -2.81 -10.38
N GLY B 234 6.57 -2.57 -9.66
CA GLY B 234 7.52 -3.62 -9.34
C GLY B 234 7.03 -4.64 -8.34
N GLU B 235 6.60 -4.16 -7.17
CA GLU B 235 6.15 -5.06 -6.12
C GLU B 235 4.92 -5.85 -6.54
N ALA B 236 4.09 -5.29 -7.42
CA ALA B 236 2.91 -6.00 -7.89
C ALA B 236 3.23 -7.16 -8.82
N GLY B 237 4.50 -7.29 -9.24
CA GLY B 237 4.89 -8.37 -10.12
C GLY B 237 5.38 -7.90 -11.47
N VAL B 238 5.97 -6.70 -11.50
CA VAL B 238 6.50 -6.08 -12.71
C VAL B 238 5.38 -6.03 -13.75
N VAL B 239 4.29 -5.33 -13.43
CA VAL B 239 3.20 -5.16 -14.37
C VAL B 239 3.47 -3.89 -15.16
N VAL B 240 3.43 -4.00 -16.48
CA VAL B 240 3.82 -2.91 -17.38
C VAL B 240 2.54 -2.34 -18.00
N PRO B 241 2.26 -1.06 -17.84
CA PRO B 241 1.09 -0.46 -18.48
C PRO B 241 1.27 -0.38 -19.99
N ASP B 242 0.15 -0.26 -20.68
CA ASP B 242 0.16 -0.18 -22.13
C ASP B 242 0.87 1.10 -22.58
N PRO B 243 1.47 1.09 -23.78
CA PRO B 243 2.11 2.31 -24.29
C PRO B 243 1.12 3.46 -24.39
N GLY B 244 1.57 4.64 -24.00
CA GLY B 244 0.73 5.82 -23.96
C GLY B 244 0.08 6.10 -22.62
N TYR B 245 0.19 5.18 -21.66
CA TYR B 245 -0.45 5.38 -20.35
C TYR B 245 0.13 6.59 -19.63
N LEU B 246 1.45 6.72 -19.62
CA LEU B 246 2.09 7.80 -18.89
C LEU B 246 1.81 9.16 -19.54
N MET B 247 1.78 9.21 -20.87
CA MET B 247 1.40 10.45 -21.54
C MET B 247 -0.04 10.83 -21.24
N GLY B 248 -0.94 9.83 -21.20
CA GLY B 248 -2.31 10.10 -20.82
C GLY B 248 -2.43 10.61 -19.40
N VAL B 249 -1.66 10.02 -18.47
CA VAL B 249 -1.68 10.49 -17.08
C VAL B 249 -1.16 11.92 -16.99
N ARG B 250 -0.08 12.23 -17.70
CA ARG B 250 0.46 13.58 -17.71
C ARG B 250 -0.57 14.58 -18.23
N GLU B 251 -1.20 14.26 -19.36
CA GLU B 251 -2.20 15.15 -19.94
C GLU B 251 -3.39 15.34 -19.00
N LEU B 252 -3.88 14.25 -18.41
CA LEU B 252 -5.02 14.35 -17.51
C LEU B 252 -4.69 15.16 -16.27
N CYS B 253 -3.49 14.96 -15.70
CA CYS B 253 -3.10 15.70 -14.51
C CYS B 253 -2.95 17.18 -14.82
N THR B 254 -2.36 17.52 -15.98
CA THR B 254 -2.23 18.92 -16.36
C THR B 254 -3.59 19.55 -16.61
N ARG B 255 -4.52 18.80 -17.24
CA ARG B 255 -5.82 19.35 -17.57
C ARG B 255 -6.64 19.67 -16.32
N HIS B 256 -6.58 18.82 -15.31
CA HIS B 256 -7.41 18.96 -14.11
C HIS B 256 -6.66 19.62 -12.95
N GLN B 257 -5.46 20.13 -13.19
CA GLN B 257 -4.64 20.77 -12.15
C GLN B 257 -4.43 19.81 -10.97
N VAL B 258 -3.77 18.70 -11.28
CA VAL B 258 -3.43 17.68 -10.30
C VAL B 258 -1.94 17.36 -10.44
N LEU B 259 -1.25 17.28 -9.30
CA LEU B 259 0.19 17.01 -9.33
C LEU B 259 0.45 15.56 -9.70
N PHE B 260 1.23 15.35 -10.75
CA PHE B 260 1.68 14.03 -11.18
C PHE B 260 2.88 13.69 -10.31
N ILE B 261 2.78 12.61 -9.54
CA ILE B 261 3.88 12.13 -8.71
C ILE B 261 4.31 10.77 -9.24
N ALA B 262 5.57 10.67 -9.65
CA ALA B 262 6.12 9.45 -10.23
C ALA B 262 7.07 8.82 -9.22
N ASP B 263 6.73 7.60 -8.81
CA ASP B 263 7.54 6.83 -7.87
C ASP B 263 8.51 5.99 -8.68
N GLU B 264 9.73 6.51 -8.87
CA GLU B 264 10.78 5.82 -9.60
C GLU B 264 11.87 5.32 -8.65
N ILE B 265 11.47 4.97 -7.42
CA ILE B 265 12.42 4.46 -6.44
C ILE B 265 12.97 3.11 -6.88
N GLN B 266 12.14 2.29 -7.51
CA GLN B 266 12.56 0.98 -8.02
C GLN B 266 12.82 0.98 -9.52
N THR B 267 12.09 1.79 -10.29
CA THR B 267 12.18 1.76 -11.75
C THR B 267 13.27 2.66 -12.30
N GLY B 268 13.59 3.75 -11.60
CA GLY B 268 14.53 4.72 -12.14
C GLY B 268 15.97 4.26 -12.03
N LEU B 269 16.87 5.21 -12.26
CA LEU B 269 18.31 5.00 -12.11
C LEU B 269 18.79 3.88 -13.03
N ALA B 270 18.32 3.89 -14.27
CA ALA B 270 18.77 3.09 -15.40
C ALA B 270 18.33 1.63 -15.36
N ARG B 271 17.50 1.20 -14.41
CA ARG B 271 17.11 -0.21 -14.37
C ARG B 271 16.31 -0.60 -15.60
N THR B 272 15.38 0.26 -16.02
CA THR B 272 14.48 -0.06 -17.12
C THR B 272 15.04 0.31 -18.49
N GLY B 273 16.26 0.87 -18.55
CA GLY B 273 16.86 1.27 -19.80
C GLY B 273 16.96 2.76 -20.02
N ARG B 274 16.40 3.58 -19.13
CA ARG B 274 16.52 5.02 -19.19
C ARG B 274 16.77 5.54 -17.79
N TRP B 275 17.26 6.79 -17.70
CA TRP B 275 17.49 7.41 -16.40
C TRP B 275 16.25 7.31 -15.53
N LEU B 276 15.08 7.54 -16.11
CA LEU B 276 13.80 7.32 -15.47
C LEU B 276 12.92 6.56 -16.45
N ALA B 277 12.05 5.68 -15.92
CA ALA B 277 11.20 4.90 -16.80
C ALA B 277 10.28 5.78 -17.63
N VAL B 278 9.80 6.88 -17.06
CA VAL B 278 8.94 7.81 -17.79
C VAL B 278 9.60 8.40 -19.02
N ASP B 279 10.94 8.39 -19.07
CA ASP B 279 11.64 8.86 -20.26
C ASP B 279 11.31 8.02 -21.49
N TYR B 280 10.79 6.80 -21.30
CA TYR B 280 10.32 6.04 -22.44
C TYR B 280 9.20 6.78 -23.17
N GLU B 281 8.34 7.45 -22.43
CA GLU B 281 7.24 8.22 -23.01
C GLU B 281 7.53 9.71 -23.06
N ASN B 282 8.74 10.13 -22.72
CA ASN B 282 9.15 11.54 -22.77
C ASN B 282 8.20 12.41 -21.93
N VAL B 283 7.82 11.90 -20.77
CA VAL B 283 6.87 12.56 -19.90
C VAL B 283 7.63 13.16 -18.72
N ARG B 284 7.27 14.38 -18.35
CA ARG B 284 7.91 15.12 -17.26
C ARG B 284 6.95 15.17 -16.07
N PRO B 285 7.12 14.28 -15.10
CA PRO B 285 6.25 14.30 -13.92
C PRO B 285 6.55 15.49 -13.02
N ASP B 286 5.54 15.88 -12.23
CA ASP B 286 5.67 17.05 -11.36
C ASP B 286 6.61 16.77 -10.18
N ILE B 287 6.48 15.61 -9.54
CA ILE B 287 7.37 15.21 -8.45
C ILE B 287 7.97 13.85 -8.80
N VAL B 288 9.26 13.70 -8.57
CA VAL B 288 9.97 12.45 -8.84
C VAL B 288 10.52 11.92 -7.53
N LEU B 289 10.25 10.64 -7.24
CA LEU B 289 10.81 9.99 -6.07
C LEU B 289 11.95 9.08 -6.50
N LEU B 290 13.11 9.21 -5.83
CA LEU B 290 14.25 8.34 -6.09
C LEU B 290 14.74 7.73 -4.79
N GLY B 291 15.37 6.57 -4.90
CA GLY B 291 15.93 5.92 -3.73
C GLY B 291 16.68 4.67 -4.11
N LYS B 292 16.98 3.86 -3.08
CA LYS B 292 17.60 2.56 -3.25
C LYS B 292 18.92 2.66 -4.01
N ALA B 293 18.89 2.35 -5.31
CA ALA B 293 20.08 2.40 -6.15
C ALA B 293 20.72 3.79 -6.18
N LEU B 294 20.08 4.79 -5.58
CA LEU B 294 20.63 6.14 -5.51
C LEU B 294 21.87 6.12 -4.63
N SER B 295 22.09 5.03 -3.90
CA SER B 295 23.31 4.87 -3.13
C SER B 295 24.07 3.59 -3.46
N GLY B 296 23.57 2.77 -4.39
CA GLY B 296 24.24 1.51 -4.68
C GLY B 296 24.18 0.49 -3.58
N GLY B 297 23.26 0.65 -2.63
CA GLY B 297 23.13 -0.28 -1.52
C GLY B 297 24.08 -0.04 -0.36
N LEU B 298 24.88 1.02 -0.41
CA LEU B 298 25.84 1.30 0.64
C LEU B 298 25.31 2.21 1.74
N TYR B 299 24.12 2.79 1.57
CA TYR B 299 23.57 3.76 2.49
C TYR B 299 22.11 4.02 2.16
N PRO B 300 21.24 4.19 3.14
CA PRO B 300 19.85 4.55 2.81
C PRO B 300 19.73 6.03 2.46
N VAL B 301 19.57 6.32 1.17
CA VAL B 301 19.43 7.67 0.68
C VAL B 301 18.24 7.71 -0.27
N SER B 302 17.41 8.74 -0.15
CA SER B 302 16.25 8.93 -1.01
C SER B 302 16.10 10.42 -1.31
N ALA B 303 15.34 10.72 -2.36
CA ALA B 303 15.25 12.09 -2.84
C ALA B 303 13.87 12.38 -3.39
N VAL B 304 13.40 13.60 -3.16
CA VAL B 304 12.15 14.13 -3.71
C VAL B 304 12.52 15.29 -4.61
N LEU B 305 12.37 15.13 -5.92
CA LEU B 305 12.74 16.15 -6.89
C LEU B 305 11.50 16.85 -7.41
N CYS B 306 11.52 18.19 -7.36
CA CYS B 306 10.43 18.98 -7.92
C CYS B 306 10.89 20.44 -8.01
N ASP B 307 10.10 21.23 -8.73
CA ASP B 307 10.43 22.62 -8.99
C ASP B 307 10.02 23.51 -7.81
N ASP B 308 10.39 24.79 -7.92
CA ASP B 308 10.18 25.73 -6.82
C ASP B 308 8.70 25.88 -6.47
N ASP B 309 7.83 25.91 -7.48
CA ASP B 309 6.41 26.17 -7.26
C ASP B 309 5.74 25.13 -6.37
N ILE B 310 6.32 23.93 -6.25
CA ILE B 310 5.84 22.92 -5.32
C ILE B 310 6.74 22.81 -4.10
N MET B 311 8.06 22.86 -4.32
CA MET B 311 9.01 22.64 -3.23
C MET B 311 8.88 23.70 -2.14
N LEU B 312 8.69 24.97 -2.54
CA LEU B 312 8.72 26.06 -1.59
C LEU B 312 7.41 26.26 -0.83
N THR B 313 6.46 25.34 -0.97
CA THR B 313 5.30 25.37 -0.09
C THR B 313 5.64 24.90 1.32
N ILE B 314 6.73 24.17 1.48
CA ILE B 314 7.20 23.73 2.78
C ILE B 314 8.21 24.75 3.28
N LYS B 315 7.83 25.52 4.28
CA LYS B 315 8.63 26.56 4.90
C LYS B 315 9.60 25.96 5.91
N PRO B 316 10.63 26.71 6.31
CA PRO B 316 11.59 26.17 7.29
C PRO B 316 10.90 25.74 8.58
N GLY B 317 11.34 24.62 9.12
CA GLY B 317 10.77 24.06 10.33
C GLY B 317 9.52 23.23 10.14
N GLU B 318 9.17 22.87 8.91
CA GLU B 318 7.92 22.17 8.64
C GLU B 318 8.08 20.74 8.16
N HIS B 319 9.31 20.31 7.83
CA HIS B 319 9.55 18.94 7.40
C HIS B 319 11.06 18.68 7.42
N GLY B 320 11.42 17.41 7.57
CA GLY B 320 12.82 17.05 7.54
C GLY B 320 13.06 15.68 8.15
N SER B 321 14.33 15.43 8.47
CA SER B 321 14.79 14.17 9.03
C SER B 321 16.18 14.33 9.63
N THR B 322 16.50 13.53 10.66
CA THR B 322 17.80 13.66 11.30
C THR B 322 18.93 13.31 10.35
N TYR B 323 18.84 12.15 9.69
CA TYR B 323 19.89 11.68 8.81
C TYR B 323 19.72 12.13 7.36
N GLY B 324 18.58 12.75 7.02
CA GLY B 324 18.36 13.24 5.68
C GLY B 324 19.36 14.32 5.30
N GLY B 325 20.08 14.11 4.20
CA GLY B 325 21.04 15.08 3.72
C GLY B 325 22.39 15.05 4.39
N ASN B 326 22.73 13.99 5.12
CA ASN B 326 24.03 13.91 5.78
C ASN B 326 25.14 13.75 4.74
N PRO B 327 26.34 14.25 5.04
CA PRO B 327 27.42 14.25 4.03
C PRO B 327 27.83 12.86 3.55
N LEU B 328 27.79 11.85 4.42
CA LEU B 328 28.20 10.51 4.01
C LEU B 328 27.29 9.98 2.90
N GLY B 329 25.98 10.03 3.13
CA GLY B 329 25.05 9.60 2.10
C GLY B 329 25.12 10.46 0.85
N CYS B 330 25.41 11.75 1.02
CA CYS B 330 25.51 12.64 -0.14
C CYS B 330 26.70 12.24 -1.03
N ARG B 331 27.86 12.00 -0.41
CA ARG B 331 29.02 11.53 -1.19
C ARG B 331 28.73 10.19 -1.85
N VAL B 332 28.08 9.29 -1.11
CA VAL B 332 27.77 7.96 -1.65
C VAL B 332 26.85 8.10 -2.86
N ALA B 333 25.83 8.97 -2.75
CA ALA B 333 24.88 9.13 -3.85
C ALA B 333 25.54 9.79 -5.06
N ILE B 334 26.43 10.76 -4.83
CA ILE B 334 27.17 11.36 -5.94
C ILE B 334 27.94 10.28 -6.69
N ALA B 335 28.68 9.45 -5.94
CA ALA B 335 29.45 8.39 -6.57
C ALA B 335 28.55 7.40 -7.31
N ALA B 336 27.43 7.04 -6.69
CA ALA B 336 26.52 6.07 -7.30
C ALA B 336 25.93 6.60 -8.61
N LEU B 337 25.55 7.87 -8.63
CA LEU B 337 25.04 8.46 -9.86
C LEU B 337 26.14 8.60 -10.91
N GLU B 338 27.36 8.92 -10.48
CA GLU B 338 28.48 9.04 -11.42
C GLU B 338 28.78 7.71 -12.11
N VAL B 339 28.77 6.60 -11.37
CA VAL B 339 29.06 5.33 -12.03
C VAL B 339 27.91 4.91 -12.94
N LEU B 340 26.67 5.30 -12.63
CA LEU B 340 25.57 5.01 -13.55
C LEU B 340 25.73 5.79 -14.85
N GLU B 341 26.10 7.06 -14.75
CA GLU B 341 26.24 7.88 -15.96
C GLU B 341 27.46 7.44 -16.79
N GLU B 342 28.59 7.23 -16.12
CA GLU B 342 29.86 7.05 -16.82
C GLU B 342 30.06 5.64 -17.36
N GLU B 343 29.25 4.67 -16.93
CA GLU B 343 29.38 3.30 -17.42
C GLU B 343 28.24 2.90 -18.35
N ASN B 344 27.39 3.85 -18.75
CA ASN B 344 26.31 3.63 -19.70
C ASN B 344 25.45 2.43 -19.31
N LEU B 345 25.08 2.38 -18.03
CA LEU B 345 24.34 1.24 -17.52
C LEU B 345 22.91 1.19 -18.06
N ALA B 346 22.35 2.34 -18.45
CA ALA B 346 21.00 2.35 -18.99
C ALA B 346 20.94 1.65 -20.34
N GLU B 347 21.86 1.99 -21.23
CA GLU B 347 21.87 1.38 -22.56
C GLU B 347 22.17 -0.10 -22.48
N ASN B 348 23.11 -0.49 -21.60
CA ASN B 348 23.39 -1.90 -21.38
C ASN B 348 22.17 -2.63 -20.82
N ALA B 349 21.45 -1.99 -19.89
CA ALA B 349 20.25 -2.59 -19.33
C ALA B 349 19.22 -2.83 -20.42
N ASP B 350 19.03 -1.84 -21.30
CA ASP B 350 18.07 -1.98 -22.40
C ASP B 350 18.48 -3.15 -23.32
N LYS B 351 19.74 -3.14 -23.77
CA LYS B 351 20.20 -4.13 -24.72
C LYS B 351 20.11 -5.54 -24.14
N LEU B 352 20.51 -5.70 -22.88
CA LEU B 352 20.49 -7.03 -22.27
C LEU B 352 19.08 -7.44 -21.88
N GLY B 353 18.21 -6.49 -21.56
CA GLY B 353 16.84 -6.83 -21.24
C GLY B 353 16.08 -7.36 -22.45
N ILE B 354 16.36 -6.81 -23.63
CA ILE B 354 15.78 -7.36 -24.85
C ILE B 354 16.16 -8.83 -25.00
N ILE B 355 17.45 -9.14 -24.82
CA ILE B 355 17.92 -10.52 -24.91
C ILE B 355 17.25 -11.40 -23.87
N LEU B 356 17.18 -10.89 -22.63
CA LEU B 356 16.61 -11.68 -21.54
C LEU B 356 15.16 -12.03 -21.80
N ARG B 357 14.36 -11.04 -22.22
CA ARG B 357 12.95 -11.31 -22.52
C ARG B 357 12.81 -12.25 -23.70
N ASN B 358 13.62 -12.07 -24.75
CA ASN B 358 13.53 -12.96 -25.91
C ASN B 358 13.86 -14.40 -25.54
N GLU B 359 14.85 -14.59 -24.66
CA GLU B 359 15.21 -15.94 -24.25
C GLU B 359 14.15 -16.54 -23.33
N LEU B 360 13.62 -15.74 -22.40
CA LEU B 360 12.60 -16.26 -21.48
C LEU B 360 11.30 -16.58 -22.21
N MET B 361 11.04 -15.91 -23.33
CA MET B 361 9.85 -16.23 -24.11
C MET B 361 9.96 -17.59 -24.79
N LYS B 362 11.16 -18.15 -24.91
CA LYS B 362 11.32 -19.48 -25.48
C LYS B 362 10.88 -20.58 -24.53
N LEU B 363 10.69 -20.25 -23.25
CA LEU B 363 10.18 -21.22 -22.30
C LEU B 363 8.77 -21.63 -22.69
N PRO B 364 8.42 -22.91 -22.54
CA PRO B 364 7.10 -23.37 -22.99
C PRO B 364 5.97 -22.71 -22.20
N SER B 365 4.89 -22.41 -22.91
CA SER B 365 3.71 -21.85 -22.27
C SER B 365 3.02 -22.85 -21.35
N ASP B 366 3.38 -24.13 -21.43
CA ASP B 366 2.85 -25.11 -20.49
C ASP B 366 3.37 -24.85 -19.08
N VAL B 367 4.53 -24.22 -18.98
CA VAL B 367 5.23 -24.07 -17.70
C VAL B 367 5.30 -22.60 -17.28
N VAL B 368 5.43 -21.68 -18.23
CA VAL B 368 5.49 -20.25 -17.96
C VAL B 368 4.33 -19.59 -18.69
N THR B 369 3.37 -19.05 -17.92
CA THR B 369 2.21 -18.41 -18.53
C THR B 369 2.51 -17.05 -19.10
N ALA B 370 3.44 -16.29 -18.51
CA ALA B 370 3.66 -14.94 -19.01
C ALA B 370 5.09 -14.50 -18.79
N VAL B 371 5.55 -13.58 -19.64
CA VAL B 371 6.84 -12.90 -19.49
C VAL B 371 6.59 -11.41 -19.71
N ARG B 372 7.18 -10.57 -18.86
CA ARG B 372 6.98 -9.14 -18.99
C ARG B 372 8.15 -8.40 -18.36
N GLY B 373 8.23 -7.10 -18.66
CA GLY B 373 9.23 -6.25 -18.05
C GLY B 373 9.87 -5.24 -18.99
N LYS B 374 10.68 -4.35 -18.43
CA LYS B 374 11.45 -3.37 -19.19
C LYS B 374 12.87 -3.32 -18.66
N GLY B 375 13.81 -3.10 -19.57
CA GLY B 375 15.21 -3.07 -19.18
C GLY B 375 15.60 -4.36 -18.51
N LEU B 376 16.28 -4.25 -17.37
CA LEU B 376 16.65 -5.41 -16.58
C LEU B 376 15.71 -5.65 -15.41
N LEU B 377 14.53 -5.03 -15.44
CA LEU B 377 13.46 -5.33 -14.49
C LEU B 377 12.43 -6.18 -15.23
N ASN B 378 12.46 -7.49 -15.00
CA ASN B 378 11.57 -8.39 -15.70
C ASN B 378 10.97 -9.38 -14.72
N ALA B 379 9.93 -10.09 -15.17
CA ALA B 379 9.27 -11.08 -14.37
C ALA B 379 8.62 -12.12 -15.26
N ILE B 380 8.45 -13.32 -14.71
CA ILE B 380 7.76 -14.40 -15.39
C ILE B 380 6.67 -14.93 -14.47
N VAL B 381 5.51 -15.24 -15.06
CA VAL B 381 4.37 -15.76 -14.34
C VAL B 381 4.23 -17.23 -14.69
N ILE B 382 4.32 -18.09 -13.66
CA ILE B 382 4.37 -19.54 -13.78
C ILE B 382 2.96 -20.11 -13.67
N LYS B 383 2.68 -21.15 -14.44
CA LYS B 383 1.45 -21.92 -14.29
C LYS B 383 1.54 -22.71 -12.99
N GLU B 384 0.89 -22.20 -11.94
CA GLU B 384 0.98 -22.82 -10.63
C GLU B 384 -0.02 -23.97 -10.52
N THR B 385 0.48 -25.16 -10.22
CA THR B 385 -0.34 -26.34 -10.01
C THR B 385 -0.15 -26.85 -8.60
N LYS B 386 -0.83 -27.96 -8.28
CA LYS B 386 -0.71 -28.55 -6.95
C LYS B 386 0.72 -29.03 -6.69
N ASP B 387 1.38 -29.54 -7.72
CA ASP B 387 2.74 -30.09 -7.59
C ASP B 387 3.74 -29.03 -7.13
N TRP B 388 3.73 -27.86 -7.78
CA TRP B 388 4.82 -26.92 -7.68
C TRP B 388 4.31 -25.48 -7.68
N ASP B 389 5.16 -24.58 -7.21
CA ASP B 389 4.85 -23.16 -7.24
C ASP B 389 6.17 -22.38 -7.35
N ALA B 390 6.04 -21.05 -7.37
CA ALA B 390 7.21 -20.20 -7.59
C ALA B 390 8.23 -20.35 -6.47
N TRP B 391 7.78 -20.68 -5.26
CA TRP B 391 8.70 -20.87 -4.14
C TRP B 391 9.64 -22.04 -4.41
N LYS B 392 9.09 -23.17 -4.88
CA LYS B 392 9.93 -24.31 -5.22
C LYS B 392 10.85 -23.98 -6.39
N VAL B 393 10.38 -23.18 -7.34
CA VAL B 393 11.22 -22.78 -8.46
C VAL B 393 12.43 -21.99 -7.96
N CYS B 394 12.18 -21.05 -7.05
CA CYS B 394 13.28 -20.26 -6.50
C CYS B 394 14.21 -21.11 -5.64
N LEU B 395 13.66 -22.10 -4.93
CA LEU B 395 14.50 -23.03 -4.19
C LEU B 395 15.45 -23.79 -5.12
N ARG B 396 14.92 -24.29 -6.23
CA ARG B 396 15.76 -25.03 -7.18
C ARG B 396 16.72 -24.10 -7.93
N LEU B 397 16.32 -22.86 -8.19
CA LEU B 397 17.24 -21.88 -8.75
C LEU B 397 18.40 -21.62 -7.78
N ARG B 398 18.09 -21.54 -6.48
CA ARG B 398 19.13 -21.45 -5.46
C ARG B 398 20.06 -22.65 -5.54
N ASP B 399 19.48 -23.85 -5.67
CA ASP B 399 20.31 -25.05 -5.81
C ASP B 399 21.22 -24.96 -7.03
N ASN B 400 20.77 -24.28 -8.09
CA ASN B 400 21.52 -24.20 -9.34
C ASN B 400 22.34 -22.91 -9.46
N GLY B 401 22.42 -22.10 -8.41
CA GLY B 401 23.30 -20.96 -8.41
C GLY B 401 22.71 -19.64 -8.83
N LEU B 402 21.39 -19.49 -8.79
CA LEU B 402 20.73 -18.24 -9.15
C LEU B 402 19.74 -17.86 -8.04
N LEU B 403 19.81 -16.61 -7.59
CA LEU B 403 18.99 -16.15 -6.47
C LEU B 403 17.85 -15.26 -6.98
N ALA B 404 16.62 -15.67 -6.66
CA ALA B 404 15.43 -14.90 -7.00
C ALA B 404 14.35 -15.19 -5.96
N LYS B 405 13.38 -14.29 -5.87
CA LYS B 405 12.29 -14.46 -4.91
C LYS B 405 10.94 -14.33 -5.61
N PRO B 406 9.92 -15.06 -5.14
CA PRO B 406 8.57 -14.86 -5.65
C PRO B 406 7.79 -13.82 -4.86
N THR B 407 6.90 -13.13 -5.57
CA THR B 407 6.13 -12.03 -4.99
C THR B 407 4.62 -12.23 -5.08
N HIS B 408 4.16 -13.30 -5.72
CA HIS B 408 2.73 -13.54 -5.86
C HIS B 408 2.39 -15.00 -5.59
N GLY B 409 3.41 -15.85 -5.58
CA GLY B 409 3.23 -17.29 -5.57
C GLY B 409 3.33 -17.92 -6.95
N ASP B 410 3.17 -17.11 -8.00
CA ASP B 410 3.41 -17.53 -9.36
C ASP B 410 4.33 -16.60 -10.14
N ILE B 411 4.68 -15.44 -9.59
CA ILE B 411 5.51 -14.46 -10.26
C ILE B 411 6.93 -14.53 -9.70
N ILE B 412 7.90 -14.65 -10.59
CA ILE B 412 9.32 -14.67 -10.24
C ILE B 412 10.00 -13.51 -10.94
N ARG B 413 10.69 -12.68 -10.16
CA ARG B 413 11.36 -11.50 -10.69
C ARG B 413 12.79 -11.82 -11.09
N PHE B 414 13.18 -11.31 -12.25
CA PHE B 414 14.56 -11.38 -12.75
C PHE B 414 15.05 -9.94 -12.89
N ALA B 415 16.02 -9.59 -12.05
CA ALA B 415 16.51 -8.22 -11.95
C ALA B 415 17.97 -8.25 -11.55
N PRO B 416 18.86 -8.60 -12.48
CA PRO B 416 20.29 -8.63 -12.19
C PRO B 416 20.86 -7.22 -12.17
N PRO B 417 22.04 -7.03 -11.59
CA PRO B 417 22.69 -5.71 -11.65
C PRO B 417 22.95 -5.29 -13.09
N LEU B 418 22.86 -3.98 -13.32
CA LEU B 418 23.01 -3.44 -14.67
C LEU B 418 24.44 -3.52 -15.20
N VAL B 419 25.41 -3.86 -14.35
CA VAL B 419 26.78 -4.07 -14.81
C VAL B 419 26.98 -5.45 -15.40
N ILE B 420 25.91 -6.23 -15.58
CA ILE B 420 26.04 -7.58 -16.10
C ILE B 420 26.47 -7.54 -17.56
N LYS B 421 27.31 -8.50 -17.93
CA LYS B 421 27.78 -8.66 -19.29
C LYS B 421 26.98 -9.75 -20.00
N GLU B 422 27.11 -9.79 -21.33
CA GLU B 422 26.25 -10.66 -22.12
C GLU B 422 26.46 -12.13 -21.79
N ASP B 423 27.72 -12.56 -21.67
CA ASP B 423 28.00 -13.98 -21.41
C ASP B 423 27.45 -14.41 -20.04
N GLU B 424 27.60 -13.56 -19.03
CA GLU B 424 27.05 -13.86 -17.72
C GLU B 424 25.54 -13.98 -17.78
N LEU B 425 24.89 -13.09 -18.54
CA LEU B 425 23.45 -13.17 -18.73
C LEU B 425 23.05 -14.47 -19.41
N ARG B 426 23.83 -14.89 -20.41
CA ARG B 426 23.52 -16.13 -21.12
C ARG B 426 23.63 -17.34 -20.21
N GLU B 427 24.67 -17.39 -19.37
CA GLU B 427 24.79 -18.55 -18.47
C GLU B 427 23.73 -18.51 -17.38
N SER B 428 23.33 -17.30 -16.95
CA SER B 428 22.20 -17.19 -16.02
C SER B 428 20.91 -17.69 -16.68
N ILE B 429 20.71 -17.37 -17.96
CA ILE B 429 19.55 -17.87 -18.68
C ILE B 429 19.62 -19.39 -18.81
N GLU B 430 20.82 -19.94 -18.99
CA GLU B 430 20.97 -21.39 -19.01
C GLU B 430 20.55 -22.00 -17.67
N ILE B 431 20.95 -21.38 -16.57
CA ILE B 431 20.53 -21.86 -15.25
C ILE B 431 19.02 -21.80 -15.12
N ILE B 432 18.41 -20.70 -15.57
CA ILE B 432 16.96 -20.55 -15.49
C ILE B 432 16.26 -21.63 -16.30
N ASN B 433 16.76 -21.89 -17.52
CA ASN B 433 16.16 -22.90 -18.37
C ASN B 433 16.27 -24.28 -17.74
N LYS B 434 17.44 -24.60 -17.19
CA LYS B 434 17.64 -25.89 -16.54
C LYS B 434 16.67 -26.07 -15.38
N THR B 435 16.56 -25.05 -14.53
CA THR B 435 15.66 -25.12 -13.38
C THR B 435 14.21 -25.29 -13.82
N ILE B 436 13.78 -24.47 -14.79
CA ILE B 436 12.39 -24.47 -15.20
C ILE B 436 12.02 -25.81 -15.86
N LEU B 437 12.90 -26.33 -16.71
CA LEU B 437 12.63 -27.56 -17.45
C LEU B 437 13.00 -28.81 -16.65
N SER B 438 13.51 -28.66 -15.42
CA SER B 438 13.77 -29.80 -14.56
C SER B 438 12.53 -30.29 -13.80
N PHE B 439 11.39 -29.61 -13.92
CA PHE B 439 10.18 -30.05 -13.24
C PHE B 439 9.32 -30.93 -14.14
N PRO C 38 34.88 27.16 -2.31
CA PRO C 38 34.28 26.51 -1.15
C PRO C 38 34.31 27.33 0.14
N THR C 39 33.70 28.51 0.11
CA THR C 39 33.58 29.30 1.34
C THR C 39 32.23 29.03 2.00
N SER C 40 32.01 29.67 3.16
CA SER C 40 30.75 29.48 3.89
C SER C 40 29.58 30.09 3.13
N ASP C 41 29.76 31.31 2.62
CA ASP C 41 28.66 32.00 1.92
C ASP C 41 28.25 31.24 0.66
N ASP C 42 29.23 30.71 -0.08
CA ASP C 42 28.91 29.95 -1.29
C ASP C 42 28.15 28.68 -0.95
N ILE C 43 28.49 28.03 0.17
CA ILE C 43 27.73 26.86 0.60
C ILE C 43 26.31 27.25 0.95
N PHE C 44 26.14 28.38 1.66
CA PHE C 44 24.80 28.90 1.92
C PHE C 44 24.01 29.05 0.63
N GLU C 45 24.60 29.75 -0.35
CA GLU C 45 23.86 30.08 -1.56
C GLU C 45 23.58 28.84 -2.40
N ARG C 46 24.51 27.88 -2.43
CA ARG C 46 24.28 26.64 -3.17
C ARG C 46 23.12 25.86 -2.56
N GLU C 47 23.11 25.71 -1.23
CA GLU C 47 22.01 25.01 -0.59
C GLU C 47 20.69 25.75 -0.80
N TYR C 48 20.71 27.07 -0.73
CA TYR C 48 19.50 27.85 -0.95
C TYR C 48 18.98 27.69 -2.38
N LYS C 49 19.89 27.66 -3.35
CA LYS C 49 19.48 27.58 -4.75
C LYS C 49 18.94 26.20 -5.11
N TYR C 50 19.64 25.15 -4.70
CA TYR C 50 19.28 23.79 -5.15
C TYR C 50 18.57 22.96 -4.09
N GLY C 51 18.68 23.33 -2.82
CA GLY C 51 18.08 22.57 -1.74
C GLY C 51 16.77 23.14 -1.24
N ALA C 52 15.89 22.24 -0.80
CA ALA C 52 14.60 22.65 -0.27
C ALA C 52 14.77 23.50 0.98
N HIS C 53 13.79 24.36 1.23
CA HIS C 53 13.85 25.33 2.33
C HIS C 53 13.11 24.84 3.55
N ASN C 54 13.18 23.54 3.83
CA ASN C 54 12.49 22.97 4.99
C ASN C 54 13.30 23.11 6.28
N TYR C 55 14.50 23.69 6.21
CA TYR C 55 15.32 23.97 7.39
C TYR C 55 15.83 25.40 7.32
N HIS C 56 16.15 25.96 8.48
CA HIS C 56 16.86 27.23 8.61
C HIS C 56 18.04 26.99 9.55
N PRO C 57 19.12 26.39 9.06
CA PRO C 57 20.24 26.03 9.93
C PRO C 57 21.01 27.25 10.42
N LEU C 58 21.75 27.05 11.49
CA LEU C 58 22.64 28.09 12.00
C LEU C 58 23.75 28.34 10.98
N PRO C 59 24.13 29.60 10.74
CA PRO C 59 25.12 29.89 9.67
C PRO C 59 26.53 29.41 9.99
N VAL C 60 26.78 28.11 9.85
CA VAL C 60 28.11 27.54 9.98
C VAL C 60 28.25 26.39 9.00
N ALA C 61 29.41 26.30 8.34
CA ALA C 61 29.64 25.36 7.25
C ALA C 61 30.67 24.31 7.67
N LEU C 62 30.20 23.25 8.32
CA LEU C 62 31.11 22.23 8.82
C LEU C 62 31.61 21.36 7.68
N GLU C 63 32.89 21.01 7.76
CA GLU C 63 33.49 20.07 6.82
C GLU C 63 34.33 18.98 7.48
N ARG C 64 34.68 19.13 8.76
CA ARG C 64 35.41 18.07 9.46
C ARG C 64 34.80 17.87 10.83
N GLY C 65 34.80 16.62 11.29
CA GLY C 65 34.30 16.33 12.63
C GLY C 65 35.07 15.22 13.30
N LYS C 66 35.56 15.47 14.51
CA LYS C 66 36.33 14.43 15.22
C LYS C 66 36.00 14.51 16.70
N GLY C 67 35.49 13.41 17.24
CA GLY C 67 35.15 13.35 18.65
C GLY C 67 34.21 14.45 19.07
N ILE C 68 34.72 15.39 19.86
CA ILE C 68 33.92 16.49 20.38
C ILE C 68 33.96 17.72 19.48
N TYR C 69 34.97 17.85 18.64
CA TYR C 69 35.20 19.09 17.90
C TYR C 69 34.68 18.99 16.47
N LEU C 70 34.23 20.14 15.96
CA LEU C 70 33.88 20.31 14.56
C LEU C 70 34.72 21.42 13.96
N TRP C 71 35.00 21.29 12.67
CA TRP C 71 35.78 22.27 11.93
C TRP C 71 35.01 22.70 10.70
N ASP C 72 34.85 24.01 10.52
CA ASP C 72 34.19 24.57 9.35
C ASP C 72 35.18 24.72 8.19
N VAL C 73 34.63 25.14 7.04
CA VAL C 73 35.43 25.27 5.83
C VAL C 73 36.48 26.35 5.96
N GLU C 74 36.33 27.28 6.89
CA GLU C 74 37.38 28.26 7.16
C GLU C 74 38.42 27.77 8.16
N GLY C 75 38.31 26.53 8.63
CA GLY C 75 39.26 25.97 9.57
C GLY C 75 38.98 26.29 11.03
N ARG C 76 37.90 27.02 11.32
CA ARG C 76 37.60 27.35 12.71
C ARG C 76 37.21 26.10 13.50
N LYS C 77 37.51 26.12 14.79
CA LYS C 77 37.28 25.00 15.67
C LYS C 77 36.11 25.31 16.60
N TYR C 78 35.18 24.37 16.73
CA TYR C 78 33.97 24.54 17.53
C TYR C 78 33.75 23.35 18.43
N PHE C 79 33.32 23.64 19.66
CA PHE C 79 32.75 22.62 20.53
C PHE C 79 31.38 22.22 20.00
N ASP C 80 31.13 20.92 19.84
CA ASP C 80 29.82 20.44 19.43
C ASP C 80 28.97 20.20 20.66
N PHE C 81 28.00 21.08 20.90
CA PHE C 81 27.09 20.95 22.02
C PHE C 81 25.67 20.60 21.59
N LEU C 82 25.52 20.11 20.36
CA LEU C 82 24.26 19.57 19.88
C LEU C 82 24.33 18.08 19.58
N SER C 83 25.50 17.58 19.19
CA SER C 83 25.74 16.14 18.98
C SER C 83 24.76 15.54 17.98
N SER C 84 24.41 16.31 16.96
CA SER C 84 23.47 15.87 15.92
C SER C 84 22.19 15.34 16.54
N TYR C 85 21.67 16.06 17.54
CA TYR C 85 20.51 15.64 18.32
C TYR C 85 20.75 14.28 18.98
N SER C 86 21.89 14.15 19.66
CA SER C 86 22.28 12.96 20.41
C SER C 86 22.57 11.76 19.52
N ALA C 87 22.96 11.97 18.27
CA ALA C 87 23.29 10.86 17.38
C ALA C 87 24.77 10.52 17.36
N VAL C 88 25.63 11.42 17.83
CA VAL C 88 27.07 11.16 17.87
C VAL C 88 27.54 11.16 19.32
N ASN C 89 26.68 10.64 20.22
CA ASN C 89 27.07 10.47 21.62
C ASN C 89 28.48 9.92 21.76
N GLN C 90 28.85 8.97 20.90
CA GLN C 90 30.19 8.38 20.92
C GLN C 90 31.26 9.28 20.32
N GLY C 91 30.89 10.49 19.92
CA GLY C 91 31.83 11.39 19.27
C GLY C 91 31.84 11.22 17.76
N HIS C 92 32.23 12.30 17.08
CA HIS C 92 32.28 12.28 15.62
C HIS C 92 33.39 11.35 15.14
N CYS C 93 33.05 10.47 14.21
CA CYS C 93 34.01 9.61 13.52
C CYS C 93 34.85 8.80 14.51
N HIS C 94 34.15 8.08 15.39
CA HIS C 94 34.84 7.25 16.37
C HIS C 94 35.61 6.14 15.66
N PRO C 95 36.90 5.94 15.99
CA PRO C 95 37.71 4.99 15.21
C PRO C 95 37.16 3.58 15.14
N LYS C 96 36.58 3.07 16.24
CA LYS C 96 36.07 1.70 16.24
C LYS C 96 34.90 1.55 15.27
N ILE C 97 33.96 2.48 15.29
CA ILE C 97 32.80 2.41 14.40
C ILE C 97 33.24 2.59 12.96
N VAL C 98 34.16 3.52 12.70
CA VAL C 98 34.67 3.75 11.35
C VAL C 98 35.35 2.49 10.82
N ASN C 99 36.16 1.85 11.67
CA ASN C 99 36.86 0.64 11.24
C ASN C 99 35.90 -0.52 10.99
N ALA C 100 34.87 -0.67 11.84
CA ALA C 100 33.88 -1.71 11.58
C ALA C 100 33.14 -1.46 10.27
N LEU C 101 32.78 -0.20 10.01
CA LEU C 101 32.12 0.14 8.76
C LEU C 101 33.02 -0.13 7.56
N LYS C 102 34.30 0.23 7.65
CA LYS C 102 35.23 -0.02 6.56
C LYS C 102 35.44 -1.51 6.34
N SER C 103 35.49 -2.29 7.42
CA SER C 103 35.64 -3.74 7.28
C SER C 103 34.43 -4.37 6.62
N GLN C 104 33.23 -3.93 6.97
CA GLN C 104 32.04 -4.55 6.40
C GLN C 104 31.77 -4.09 4.98
N VAL C 105 32.10 -2.83 4.64
CA VAL C 105 31.76 -2.32 3.31
C VAL C 105 32.50 -3.09 2.22
N ASP C 106 33.67 -3.65 2.53
CA ASP C 106 34.40 -4.43 1.55
C ASP C 106 33.80 -5.81 1.32
N LYS C 107 32.95 -6.29 2.24
CA LYS C 107 32.41 -7.64 2.16
C LYS C 107 30.99 -7.68 1.60
N LEU C 108 30.06 -7.00 2.25
CA LEU C 108 28.65 -7.09 1.91
C LEU C 108 27.88 -5.95 2.57
N THR C 109 27.11 -5.20 1.77
CA THR C 109 26.40 -4.03 2.29
C THR C 109 24.88 -4.17 2.28
N LEU C 110 24.31 -4.89 1.31
CA LEU C 110 22.86 -4.99 1.23
C LEU C 110 22.48 -6.20 0.40
N THR C 111 21.81 -7.17 1.03
CA THR C 111 21.21 -8.28 0.30
C THR C 111 19.70 -8.16 0.19
N SER C 112 19.10 -7.20 0.89
CA SER C 112 17.66 -7.12 1.14
C SER C 112 17.24 -8.30 2.01
N ARG C 113 16.10 -8.18 2.69
CA ARG C 113 15.62 -9.23 3.56
C ARG C 113 14.97 -10.38 2.79
N ALA C 114 15.09 -10.36 1.46
CA ALA C 114 14.66 -11.51 0.65
C ALA C 114 15.52 -12.73 0.95
N PHE C 115 16.76 -12.52 1.41
CA PHE C 115 17.65 -13.58 1.83
C PHE C 115 18.23 -13.22 3.20
N TYR C 116 18.97 -14.17 3.77
CA TYR C 116 19.68 -13.95 5.02
C TYR C 116 21.09 -13.44 4.75
N ASN C 117 21.59 -12.60 5.66
CA ASN C 117 23.00 -12.27 5.70
C ASN C 117 23.57 -12.71 7.05
N ASN C 118 24.90 -12.84 7.09
CA ASN C 118 25.56 -13.43 8.24
C ASN C 118 25.72 -12.49 9.42
N VAL C 119 25.37 -11.21 9.26
CA VAL C 119 25.63 -10.20 10.28
C VAL C 119 24.38 -9.90 11.09
N LEU C 120 23.19 -9.96 10.48
CA LEU C 120 21.98 -9.50 11.13
C LEU C 120 21.69 -10.28 12.42
N GLY C 121 21.82 -11.60 12.36
CA GLY C 121 21.55 -12.44 13.50
C GLY C 121 22.42 -12.15 14.71
N GLU C 122 23.72 -11.93 14.47
CA GLU C 122 24.63 -11.62 15.56
C GLU C 122 24.27 -10.29 16.21
N TYR C 123 23.96 -9.28 15.40
CA TYR C 123 23.56 -7.99 15.95
C TYR C 123 22.25 -8.10 16.73
N GLU C 124 21.30 -8.89 16.22
CA GLU C 124 20.04 -9.09 16.92
C GLU C 124 20.28 -9.75 18.28
N GLU C 125 21.14 -10.76 18.32
CA GLU C 125 21.47 -11.39 19.61
C GLU C 125 22.10 -10.38 20.55
N TYR C 126 23.08 -9.62 20.05
CA TYR C 126 23.77 -8.65 20.88
C TYR C 126 22.80 -7.64 21.49
N ILE C 127 21.95 -7.05 20.66
CA ILE C 127 21.04 -6.00 21.15
C ILE C 127 20.00 -6.60 22.10
N THR C 128 19.46 -7.78 21.77
CA THR C 128 18.42 -8.38 22.61
C THR C 128 18.97 -8.74 23.99
N LYS C 129 20.18 -9.30 24.04
CA LYS C 129 20.79 -9.58 25.35
C LYS C 129 21.12 -8.29 26.09
N LEU C 130 21.65 -7.29 25.37
CA LEU C 130 22.10 -6.07 26.02
C LEU C 130 20.96 -5.32 26.69
N PHE C 131 19.79 -5.27 26.04
CA PHE C 131 18.66 -4.54 26.62
C PHE C 131 17.60 -5.43 27.25
N ASN C 132 17.83 -6.74 27.35
CA ASN C 132 16.97 -7.66 28.06
C ASN C 132 15.55 -7.72 27.47
N TYR C 133 15.46 -7.82 26.15
CA TYR C 133 14.20 -8.08 25.48
C TYR C 133 14.39 -9.26 24.53
N HIS C 134 13.28 -9.94 24.22
CA HIS C 134 13.38 -11.18 23.45
C HIS C 134 13.71 -10.90 21.99
N LYS C 135 13.03 -9.95 21.35
CA LYS C 135 13.16 -9.75 19.92
C LYS C 135 13.33 -8.27 19.59
N VAL C 136 13.99 -8.02 18.46
CA VAL C 136 14.22 -6.69 17.93
C VAL C 136 13.77 -6.65 16.47
N LEU C 137 13.07 -5.59 16.11
CA LEU C 137 12.73 -5.32 14.72
C LEU C 137 13.60 -4.18 14.22
N PRO C 138 14.49 -4.41 13.26
CA PRO C 138 15.38 -3.33 12.80
C PRO C 138 14.74 -2.46 11.73
N MET C 139 14.95 -1.17 11.87
CA MET C 139 14.52 -0.16 10.90
C MET C 139 15.69 0.76 10.65
N ASN C 140 15.46 1.83 9.88
CA ASN C 140 16.52 2.76 9.51
C ASN C 140 16.46 4.04 10.32
N THR C 141 15.31 4.72 10.33
CA THR C 141 15.18 6.01 10.98
C THR C 141 14.26 5.92 12.20
N GLY C 142 14.24 7.01 12.97
CA GLY C 142 13.41 7.06 14.16
C GLY C 142 11.92 7.00 13.84
N VAL C 143 11.51 7.68 12.76
CA VAL C 143 10.11 7.61 12.35
C VAL C 143 9.71 6.18 12.06
N GLU C 144 10.59 5.43 11.39
CA GLU C 144 10.26 4.06 11.05
C GLU C 144 10.09 3.21 12.30
N ALA C 145 10.94 3.43 13.31
CA ALA C 145 10.76 2.72 14.59
C ALA C 145 9.43 3.10 15.24
N GLY C 146 9.07 4.38 15.23
CA GLY C 146 7.80 4.78 15.83
C GLY C 146 6.60 4.20 15.09
N GLU C 147 6.66 4.22 13.76
CA GLU C 147 5.59 3.64 12.95
C GLU C 147 5.48 2.15 13.21
N THR C 148 6.61 1.45 13.32
CA THR C 148 6.61 0.04 13.68
C THR C 148 5.97 -0.18 15.03
N ALA C 149 6.29 0.68 16.00
CA ALA C 149 5.71 0.56 17.34
C ALA C 149 4.20 0.72 17.30
N CYS C 150 3.71 1.70 16.55
CA CYS C 150 2.27 1.91 16.44
C CYS C 150 1.59 0.75 15.73
N LYS C 151 2.21 0.21 14.68
CA LYS C 151 1.67 -0.95 13.99
C LYS C 151 1.60 -2.16 14.93
N LEU C 152 2.67 -2.37 15.72
CA LEU C 152 2.69 -3.43 16.71
C LEU C 152 1.57 -3.25 17.73
N ALA C 153 1.40 -2.01 18.22
CA ALA C 153 0.37 -1.71 19.19
C ALA C 153 -1.02 -2.03 18.66
N ARG C 154 -1.29 -1.61 17.42
CA ARG C 154 -2.61 -1.87 16.84
C ARG C 154 -2.84 -3.36 16.62
N LYS C 155 -1.84 -4.06 16.08
CA LYS C 155 -2.00 -5.49 15.83
C LYS C 155 -2.16 -6.26 17.14
N TRP C 156 -1.45 -5.86 18.19
CA TRP C 156 -1.60 -6.50 19.49
C TRP C 156 -2.96 -6.21 20.09
N GLY C 157 -3.46 -4.98 19.92
CA GLY C 157 -4.78 -4.64 20.42
C GLY C 157 -5.87 -5.44 19.75
N TYR C 158 -5.72 -5.72 18.45
CA TYR C 158 -6.75 -6.47 17.75
C TYR C 158 -6.62 -7.98 17.94
N THR C 159 -5.39 -8.49 17.94
CA THR C 159 -5.17 -9.94 17.96
C THR C 159 -5.00 -10.50 19.37
N VAL C 160 -4.55 -9.69 20.32
CA VAL C 160 -4.29 -10.15 21.68
C VAL C 160 -5.28 -9.55 22.67
N LYS C 161 -5.35 -8.21 22.74
CA LYS C 161 -6.26 -7.58 23.68
C LYS C 161 -7.71 -7.80 23.28
N GLY C 162 -7.99 -7.97 22.00
CA GLY C 162 -9.34 -8.22 21.55
C GLY C 162 -10.17 -7.01 21.24
N ILE C 163 -9.53 -5.85 21.01
CA ILE C 163 -10.25 -4.67 20.59
C ILE C 163 -10.87 -4.92 19.22
N GLN C 164 -12.09 -4.43 19.03
CA GLN C 164 -12.75 -4.52 17.74
C GLN C 164 -11.96 -3.76 16.69
N LYS C 165 -11.96 -4.27 15.46
CA LYS C 165 -11.05 -3.79 14.43
C LYS C 165 -11.23 -2.29 14.19
N TYR C 166 -10.11 -1.58 14.21
CA TYR C 166 -9.99 -0.20 13.76
C TYR C 166 -10.64 0.76 14.75
N LYS C 167 -10.84 0.28 15.98
CA LYS C 167 -11.20 1.13 17.12
C LYS C 167 -10.04 1.34 18.08
N ALA C 168 -8.85 0.84 17.79
CA ALA C 168 -7.75 0.93 18.74
C ALA C 168 -7.21 2.36 18.79
N LYS C 169 -6.98 2.85 20.01
CA LYS C 169 -6.42 4.17 20.23
C LYS C 169 -4.99 4.07 20.75
N ILE C 170 -4.20 5.11 20.46
CA ILE C 170 -2.86 5.25 21.00
C ILE C 170 -2.75 6.64 21.61
N VAL C 171 -2.24 6.71 22.84
CA VAL C 171 -2.17 7.95 23.59
C VAL C 171 -0.74 8.47 23.54
N PHE C 172 -0.59 9.78 23.35
CA PHE C 172 0.67 10.46 23.31
C PHE C 172 0.63 11.62 24.30
N ALA C 173 1.80 12.14 24.62
CA ALA C 173 1.93 13.27 25.53
C ALA C 173 2.13 14.55 24.76
N ALA C 174 1.55 15.65 25.27
CA ALA C 174 1.75 16.95 24.66
C ALA C 174 3.24 17.29 24.62
N GLY C 175 3.67 17.87 23.50
CA GLY C 175 5.07 18.14 23.28
C GLY C 175 5.87 17.00 22.70
N ASN C 176 5.22 15.89 22.36
CA ASN C 176 5.94 14.72 21.84
C ASN C 176 6.48 14.99 20.44
N PHE C 177 7.64 14.41 20.16
CA PHE C 177 8.20 14.37 18.82
C PHE C 177 8.72 12.98 18.54
N TRP C 178 8.28 12.39 17.43
CA TRP C 178 8.87 11.13 16.98
C TRP C 178 9.03 11.07 15.46
N GLY C 179 9.06 12.20 14.78
CA GLY C 179 9.33 12.23 13.35
C GLY C 179 8.40 13.17 12.63
N ARG C 180 8.43 13.09 11.30
CA ARG C 180 7.73 14.03 10.42
CA ARG C 180 7.68 14.03 10.48
C ARG C 180 6.80 13.35 9.43
N THR C 181 6.51 12.06 9.59
CA THR C 181 5.54 11.43 8.71
C THR C 181 4.14 11.97 9.01
N LEU C 182 3.19 11.60 8.15
CA LEU C 182 1.81 12.03 8.37
C LEU C 182 1.27 11.51 9.70
N SER C 183 1.54 10.25 10.03
CA SER C 183 1.14 9.72 11.32
C SER C 183 1.84 10.47 12.46
N ALA C 184 3.13 10.74 12.29
CA ALA C 184 3.89 11.41 13.34
C ALA C 184 3.37 12.83 13.59
N ILE C 185 3.09 13.58 12.52
CA ILE C 185 2.56 14.93 12.70
C ILE C 185 1.12 14.88 13.18
N SER C 186 0.41 13.78 12.94
CA SER C 186 -0.96 13.66 13.44
C SER C 186 -1.03 13.68 14.96
N SER C 187 0.03 13.24 15.65
CA SER C 187 0.05 13.21 17.10
C SER C 187 0.80 14.39 17.71
N SER C 188 1.32 15.30 16.89
CA SER C 188 2.09 16.43 17.39
C SER C 188 1.18 17.52 17.92
N THR C 189 1.64 18.22 18.96
CA THR C 189 1.02 19.44 19.44
C THR C 189 1.70 20.69 18.92
N ASP C 190 2.74 20.55 18.10
CA ASP C 190 3.41 21.67 17.46
C ASP C 190 2.64 22.03 16.19
N PRO C 191 2.03 23.22 16.12
CA PRO C 191 1.25 23.58 14.93
C PRO C 191 2.07 23.59 13.66
N THR C 192 3.35 23.97 13.72
CA THR C 192 4.16 24.03 12.51
C THR C 192 4.37 22.66 11.89
N SER C 193 4.22 21.59 12.69
CA SER C 193 4.47 20.25 12.19
C SER C 193 3.30 19.69 11.41
N TYR C 194 2.07 20.07 11.77
CA TYR C 194 0.88 19.45 11.18
C TYR C 194 -0.05 20.41 10.46
N ASP C 195 0.11 21.73 10.62
CA ASP C 195 -0.78 22.67 9.97
C ASP C 195 -0.62 22.61 8.46
N GLY C 196 -1.73 22.46 7.75
CA GLY C 196 -1.72 22.43 6.31
C GLY C 196 -1.26 21.13 5.67
N PHE C 197 -1.13 20.06 6.46
CA PHE C 197 -0.63 18.78 5.98
C PHE C 197 -1.76 17.74 5.82
N GLY C 198 -2.92 18.20 5.36
CA GLY C 198 -3.99 17.31 4.99
C GLY C 198 -4.77 16.77 6.16
N PRO C 199 -5.72 15.88 5.91
CA PRO C 199 -6.39 15.19 7.00
C PRO C 199 -5.38 14.41 7.82
N PHE C 200 -5.84 13.94 8.98
CA PHE C 200 -4.93 13.43 9.99
C PHE C 200 -5.28 11.99 10.36
N MET C 201 -4.28 11.30 10.89
CA MET C 201 -4.41 9.91 11.27
C MET C 201 -5.38 9.76 12.43
N PRO C 202 -6.49 9.04 12.28
CA PRO C 202 -7.39 8.81 13.41
C PRO C 202 -6.79 7.79 14.38
N GLY C 203 -7.38 7.75 15.57
CA GLY C 203 -6.94 6.83 16.59
C GLY C 203 -5.83 7.32 17.48
N PHE C 204 -5.51 8.61 17.45
CA PHE C 204 -4.46 9.19 18.29
C PHE C 204 -5.11 10.16 19.28
N ASP C 205 -4.84 9.93 20.57
CA ASP C 205 -5.27 10.83 21.63
C ASP C 205 -4.04 11.52 22.22
N ILE C 206 -4.23 12.74 22.72
CA ILE C 206 -3.15 13.53 23.29
C ILE C 206 -3.53 13.94 24.70
N ILE C 207 -2.61 13.75 25.64
CA ILE C 207 -2.81 14.14 27.03
C ILE C 207 -1.59 14.93 27.48
N PRO C 208 -1.73 15.76 28.51
CA PRO C 208 -0.57 16.52 29.01
C PRO C 208 0.55 15.60 29.49
N TYR C 209 1.78 16.06 29.26
CA TYR C 209 2.97 15.38 29.74
C TYR C 209 3.06 15.49 31.27
N ASN C 210 3.76 14.53 31.87
CA ASN C 210 4.07 14.56 33.30
C ASN C 210 2.80 14.69 34.13
N ASP C 211 1.77 13.91 33.76
CA ASP C 211 0.44 14.03 34.37
C ASP C 211 -0.12 12.61 34.53
N LEU C 212 0.12 12.02 35.70
CA LEU C 212 -0.41 10.68 35.99
C LEU C 212 -1.93 10.63 36.04
N PRO C 213 -2.63 11.56 36.70
CA PRO C 213 -4.11 11.52 36.65
C PRO C 213 -4.68 11.61 35.25
N ALA C 214 -4.06 12.39 34.36
CA ALA C 214 -4.53 12.46 32.98
C ALA C 214 -4.42 11.11 32.28
N LEU C 215 -3.30 10.42 32.46
CA LEU C 215 -3.15 9.08 31.90
C LEU C 215 -4.16 8.12 32.49
N GLU C 216 -4.40 8.21 33.80
CA GLU C 216 -5.39 7.34 34.42
C GLU C 216 -6.77 7.57 33.84
N ARG C 217 -7.16 8.83 33.67
CA ARG C 217 -8.46 9.15 33.08
C ARG C 217 -8.55 8.67 31.64
N ALA C 218 -7.47 8.86 30.86
CA ALA C 218 -7.50 8.45 29.47
C ALA C 218 -7.57 6.94 29.32
N LEU C 219 -6.93 6.20 30.22
CA LEU C 219 -6.88 4.75 30.14
C LEU C 219 -8.20 4.08 30.49
N GLN C 220 -9.20 4.84 30.94
CA GLN C 220 -10.52 4.27 31.18
C GLN C 220 -11.21 3.82 29.89
N ASP C 221 -10.72 4.26 28.74
CA ASP C 221 -11.23 3.80 27.45
C ASP C 221 -10.66 2.42 27.18
N PRO C 222 -11.49 1.37 27.08
CA PRO C 222 -10.95 0.02 26.85
C PRO C 222 -10.33 -0.16 25.48
N ASN C 223 -10.61 0.72 24.52
CA ASN C 223 -10.05 0.61 23.19
C ASN C 223 -8.66 1.20 23.08
N VAL C 224 -8.09 1.71 24.16
CA VAL C 224 -6.71 2.19 24.16
C VAL C 224 -5.78 1.00 24.17
N ALA C 225 -4.88 0.93 23.20
CA ALA C 225 -3.96 -0.18 23.06
C ALA C 225 -2.54 0.13 23.55
N ALA C 226 -2.11 1.38 23.46
CA ALA C 226 -0.76 1.72 23.87
C ALA C 226 -0.68 3.19 24.25
N PHE C 227 0.25 3.49 25.14
CA PHE C 227 0.66 4.85 25.48
C PHE C 227 2.14 4.96 25.14
N MET C 228 2.48 5.87 24.23
CA MET C 228 3.85 6.07 23.80
C MET C 228 4.34 7.41 24.31
N VAL C 229 5.52 7.43 24.92
CA VAL C 229 5.98 8.59 25.66
C VAL C 229 7.51 8.58 25.66
N GLU C 230 8.10 9.77 25.82
CA GLU C 230 9.53 9.97 25.99
C GLU C 230 9.84 10.18 27.46
N PRO C 231 10.81 9.45 28.03
CA PRO C 231 11.16 9.70 29.44
C PRO C 231 11.63 11.12 29.69
N ILE C 232 12.32 11.72 28.73
CA ILE C 232 12.61 13.15 28.71
C ILE C 232 12.28 13.66 27.32
N GLN C 233 11.49 14.72 27.23
CA GLN C 233 11.05 15.26 25.94
C GLN C 233 12.14 16.18 25.40
N GLY C 234 12.89 15.71 24.41
CA GLY C 234 14.01 16.45 23.86
C GLY C 234 13.64 17.66 23.03
N GLU C 235 12.91 17.45 21.94
CA GLU C 235 12.54 18.55 21.07
C GLU C 235 11.63 19.55 21.76
N ALA C 236 10.95 19.13 22.83
CA ALA C 236 10.14 20.06 23.61
C ALA C 236 10.98 21.03 24.42
N GLY C 237 12.27 20.76 24.57
CA GLY C 237 13.15 21.63 25.33
C GLY C 237 13.79 20.95 26.52
N VAL C 238 13.97 19.64 26.41
CA VAL C 238 14.50 18.80 27.49
C VAL C 238 13.66 19.05 28.74
N VAL C 239 12.37 18.77 28.66
CA VAL C 239 11.50 18.91 29.81
C VAL C 239 11.54 17.57 30.56
N VAL C 240 11.83 17.64 31.85
CA VAL C 240 12.06 16.45 32.67
C VAL C 240 10.84 16.26 33.57
N PRO C 241 10.17 15.11 33.50
CA PRO C 241 9.01 14.88 34.37
C PRO C 241 9.44 14.69 35.82
N ASP C 242 8.45 14.80 36.70
CA ASP C 242 8.71 14.69 38.12
C ASP C 242 9.14 13.26 38.48
N PRO C 243 9.93 13.10 39.54
CA PRO C 243 10.29 11.74 39.98
C PRO C 243 9.05 10.91 40.27
N GLY C 244 9.07 9.65 39.83
CA GLY C 244 7.95 8.76 39.98
C GLY C 244 6.98 8.76 38.81
N TYR C 245 7.18 9.63 37.82
CA TYR C 245 6.28 9.67 36.67
C TYR C 245 6.32 8.37 35.89
N LEU C 246 7.52 7.86 35.60
CA LEU C 246 7.66 6.64 34.81
C LEU C 246 7.12 5.43 35.56
N MET C 247 7.33 5.38 36.87
CA MET C 247 6.74 4.31 37.68
C MET C 247 5.22 4.36 37.60
N GLY C 248 4.64 5.55 37.71
CA GLY C 248 3.20 5.68 37.58
C GLY C 248 2.69 5.27 36.22
N VAL C 249 3.40 5.65 35.16
CA VAL C 249 3.01 5.25 33.81
C VAL C 249 3.05 3.74 33.66
N ARG C 250 4.12 3.11 34.15
CA ARG C 250 4.24 1.65 34.11
C ARG C 250 3.08 0.98 34.84
N GLU C 251 2.79 1.44 36.07
CA GLU C 251 1.73 0.84 36.85
C GLU C 251 0.37 1.03 36.18
N LEU C 252 0.09 2.22 35.67
CA LEU C 252 -1.18 2.47 35.01
C LEU C 252 -1.34 1.63 33.76
N CYS C 253 -0.28 1.52 32.96
CA CYS C 253 -0.34 0.72 31.74
C CYS C 253 -0.56 -0.76 32.06
N THR C 254 0.13 -1.28 33.07
CA THR C 254 -0.05 -2.67 33.46
C THR C 254 -1.46 -2.90 34.00
N ARG C 255 -1.97 -1.94 34.79
CA ARG C 255 -3.29 -2.09 35.40
C ARG C 255 -4.39 -2.14 34.34
N HIS C 256 -4.29 -1.32 33.30
CA HIS C 256 -5.32 -1.21 32.29
C HIS C 256 -4.90 -2.07 31.10
N GLN C 257 -3.78 -2.79 31.21
CA GLN C 257 -3.28 -3.66 30.16
C GLN C 257 -3.12 -2.90 28.84
N VAL C 258 -2.26 -1.88 28.88
CA VAL C 258 -1.99 -1.01 27.76
C VAL C 258 -0.49 -1.09 27.56
N LEU C 259 -0.05 -1.11 26.30
CA LEU C 259 1.38 -1.23 26.01
C LEU C 259 2.10 0.07 26.32
N PHE C 260 3.16 -0.04 27.12
CA PHE C 260 4.01 1.09 27.47
C PHE C 260 5.11 1.18 26.43
N ILE C 261 5.07 2.21 25.60
CA ILE C 261 6.08 2.43 24.57
C ILE C 261 6.96 3.58 25.02
N ALA C 262 8.25 3.29 25.23
CA ALA C 262 9.23 4.29 25.61
C ALA C 262 10.07 4.64 24.39
N ASP C 263 10.00 5.90 23.97
CA ASP C 263 10.80 6.40 22.85
C ASP C 263 12.11 6.90 23.43
N GLU C 264 13.13 6.05 23.40
CA GLU C 264 14.47 6.40 23.87
C GLU C 264 15.42 6.61 22.69
N ILE C 265 14.89 7.07 21.56
CA ILE C 265 15.72 7.28 20.38
C ILE C 265 16.74 8.38 20.64
N GLN C 266 16.35 9.39 21.41
CA GLN C 266 17.24 10.49 21.78
C GLN C 266 17.75 10.40 23.21
N THR C 267 16.94 9.87 24.14
CA THR C 267 17.35 9.82 25.54
C THR C 267 18.23 8.62 25.86
N GLY C 268 18.09 7.53 25.11
CA GLY C 268 18.78 6.31 25.43
C GLY C 268 20.26 6.36 25.07
N LEU C 269 20.89 5.19 25.18
CA LEU C 269 22.28 4.99 24.76
C LEU C 269 23.24 5.89 25.53
N ALA C 270 23.03 5.99 26.84
CA ALA C 270 23.91 6.56 27.85
C ALA C 270 23.91 8.09 27.88
N ARG C 271 23.10 8.78 27.09
CA ARG C 271 23.14 10.25 27.10
C ARG C 271 22.73 10.81 28.46
N THR C 272 21.68 10.26 29.07
CA THR C 272 21.15 10.79 30.31
C THR C 272 21.85 10.23 31.55
N GLY C 273 22.86 9.37 31.37
CA GLY C 273 23.58 8.78 32.47
C GLY C 273 23.28 7.31 32.71
N ARG C 274 22.36 6.72 31.95
CA ARG C 274 22.04 5.31 32.05
C ARG C 274 21.84 4.77 30.65
N TRP C 275 21.92 3.44 30.51
CA TRP C 275 21.67 2.81 29.21
C TRP C 275 20.36 3.28 28.60
N LEU C 276 19.32 3.39 29.42
CA LEU C 276 18.06 4.01 29.04
C LEU C 276 17.65 4.96 30.16
N ALA C 277 16.97 6.05 29.81
CA ALA C 277 16.55 7.01 30.82
C ALA C 277 15.61 6.38 31.84
N VAL C 278 14.75 5.47 31.41
CA VAL C 278 13.83 4.80 32.32
C VAL C 278 14.55 4.00 33.40
N ASP C 279 15.81 3.64 33.17
CA ASP C 279 16.58 2.93 34.18
C ASP C 279 16.75 3.77 35.44
N TYR C 280 16.58 5.09 35.33
CA TYR C 280 16.60 5.93 36.53
C TYR C 280 15.48 5.55 37.50
N GLU C 281 14.32 5.19 36.96
CA GLU C 281 13.19 4.77 37.78
C GLU C 281 13.00 3.26 37.80
N ASN C 282 13.96 2.50 37.26
CA ASN C 282 13.92 1.04 37.27
C ASN C 282 12.63 0.52 36.66
N VAL C 283 12.21 1.14 35.56
CA VAL C 283 10.95 0.85 34.92
C VAL C 283 11.22 0.09 33.62
N ARG C 284 10.43 -0.95 33.38
CA ARG C 284 10.61 -1.80 32.20
C ARG C 284 9.48 -1.56 31.20
N PRO C 285 9.72 -0.76 30.17
CA PRO C 285 8.67 -0.53 29.17
C PRO C 285 8.39 -1.77 28.35
N ASP C 286 7.17 -1.84 27.80
CA ASP C 286 6.82 -2.94 26.93
C ASP C 286 7.57 -2.86 25.61
N ILE C 287 7.62 -1.69 24.98
CA ILE C 287 8.35 -1.49 23.74
C ILE C 287 9.38 -0.40 23.97
N VAL C 288 10.59 -0.61 23.46
CA VAL C 288 11.66 0.37 23.53
C VAL C 288 12.05 0.77 22.11
N LEU C 289 12.09 2.07 21.85
CA LEU C 289 12.56 2.58 20.56
C LEU C 289 13.97 3.12 20.70
N LEU C 290 14.86 2.70 19.81
CA LEU C 290 16.23 3.20 19.79
C LEU C 290 16.59 3.65 18.38
N GLY C 291 17.58 4.52 18.30
CA GLY C 291 18.08 4.95 17.01
C GLY C 291 19.18 5.97 17.15
N LYS C 292 19.52 6.58 16.00
CA LYS C 292 20.45 7.70 15.95
C LYS C 292 21.82 7.31 16.52
N ALA C 293 22.05 7.60 17.80
CA ALA C 293 23.30 7.20 18.44
C ALA C 293 23.55 5.70 18.37
N LEU C 294 22.57 4.92 17.91
CA LEU C 294 22.73 3.48 17.74
C LEU C 294 23.80 3.19 16.69
N SER C 295 24.16 4.20 15.91
CA SER C 295 25.20 4.05 14.90
C SER C 295 26.36 5.03 15.04
N GLY C 296 26.32 5.91 16.04
CA GLY C 296 27.35 6.94 16.15
C GLY C 296 27.33 7.94 15.03
N GLY C 297 26.22 8.05 14.31
CA GLY C 297 26.11 8.99 13.21
C GLY C 297 26.67 8.50 11.89
N LEU C 298 27.12 7.25 11.82
CA LEU C 298 27.73 6.71 10.61
C LEU C 298 26.76 6.02 9.68
N TYR C 299 25.52 5.79 10.11
CA TYR C 299 24.54 5.05 9.32
C TYR C 299 23.16 5.21 9.95
N PRO C 300 22.10 5.32 9.14
CA PRO C 300 20.76 5.35 9.72
C PRO C 300 20.33 3.98 10.20
N VAL C 301 20.35 3.78 11.52
CA VAL C 301 19.96 2.50 12.14
C VAL C 301 19.04 2.80 13.31
N SER C 302 17.93 2.06 13.38
CA SER C 302 16.98 2.18 14.48
C SER C 302 16.44 0.80 14.83
N ALA C 303 15.88 0.69 16.03
CA ALA C 303 15.49 -0.62 16.56
C ALA C 303 14.21 -0.51 17.38
N VAL C 304 13.38 -1.55 17.28
CA VAL C 304 12.17 -1.70 18.09
C VAL C 304 12.38 -2.95 18.94
N LEU C 305 12.54 -2.78 20.24
CA LEU C 305 12.84 -3.88 21.16
C LEU C 305 11.58 -4.25 21.94
N CYS C 306 11.19 -5.53 21.87
CA CYS C 306 10.04 -5.99 22.64
C CYS C 306 10.07 -7.51 22.69
N ASP C 307 9.22 -8.08 23.55
CA ASP C 307 9.20 -9.51 23.78
C ASP C 307 8.34 -10.23 22.74
N ASP C 308 8.31 -11.56 22.84
CA ASP C 308 7.65 -12.39 21.83
C ASP C 308 6.16 -12.13 21.75
N ASP C 309 5.51 -11.95 22.91
CA ASP C 309 4.04 -11.85 22.96
C ASP C 309 3.50 -10.67 22.16
N ILE C 310 4.33 -9.67 21.86
CA ILE C 310 3.92 -8.54 21.05
C ILE C 310 4.63 -8.52 19.71
N MET C 311 5.90 -8.93 19.68
CA MET C 311 6.64 -8.96 18.42
C MET C 311 6.02 -9.93 17.42
N LEU C 312 5.56 -11.08 17.89
CA LEU C 312 5.08 -12.12 16.98
C LEU C 312 3.63 -11.92 16.54
N THR C 313 3.01 -10.78 16.86
CA THR C 313 1.74 -10.44 16.22
C THR C 313 1.93 -10.07 14.77
N ILE C 314 3.11 -9.59 14.39
CA ILE C 314 3.44 -9.28 13.01
C ILE C 314 3.94 -10.55 12.34
N LYS C 315 3.17 -11.06 11.41
CA LYS C 315 3.47 -12.28 10.67
C LYS C 315 4.35 -11.96 9.47
N PRO C 316 5.03 -12.97 8.91
CA PRO C 316 5.90 -12.71 7.75
C PRO C 316 5.14 -12.09 6.60
N GLY C 317 5.76 -11.13 5.94
CA GLY C 317 5.16 -10.41 4.83
C GLY C 317 4.28 -9.24 5.22
N GLU C 318 4.26 -8.85 6.49
CA GLU C 318 3.34 -7.82 6.96
C GLU C 318 4.01 -6.51 7.35
N HIS C 319 5.33 -6.46 7.45
CA HIS C 319 6.04 -5.22 7.79
C HIS C 319 7.52 -5.41 7.47
N GLY C 320 8.18 -4.30 7.16
CA GLY C 320 9.60 -4.35 6.91
C GLY C 320 10.10 -3.08 6.24
N SER C 321 11.33 -3.15 5.75
CA SER C 321 12.02 -2.05 5.08
C SER C 321 13.12 -2.62 4.20
N THR C 322 13.42 -1.90 3.12
CA THR C 322 14.46 -2.37 2.19
C THR C 322 15.82 -2.42 2.88
N TYR C 323 16.23 -1.32 3.51
CA TYR C 323 17.53 -1.24 4.14
C TYR C 323 17.53 -1.71 5.59
N GLY C 324 16.36 -1.96 6.17
CA GLY C 324 16.26 -2.39 7.55
C GLY C 324 16.96 -3.70 7.82
N GLY C 325 17.97 -3.68 8.68
CA GLY C 325 18.70 -4.89 9.04
C GLY C 325 19.82 -5.28 8.09
N ASN C 326 20.32 -4.35 7.28
CA ASN C 326 21.41 -4.66 6.36
C ASN C 326 22.71 -4.89 7.13
N PRO C 327 23.63 -5.69 6.57
CA PRO C 327 24.85 -6.03 7.31
C PRO C 327 25.73 -4.84 7.67
N LEU C 328 25.80 -3.83 6.81
CA LEU C 328 26.63 -2.66 7.09
C LEU C 328 26.15 -1.94 8.35
N GLY C 329 24.85 -1.62 8.39
CA GLY C 329 24.29 -0.97 9.56
C GLY C 329 24.38 -1.83 10.80
N CYS C 330 24.24 -3.15 10.65
CA CYS C 330 24.34 -4.05 11.78
C CYS C 330 25.74 -4.03 12.39
N ARG C 331 26.77 -4.10 11.53
CA ARG C 331 28.15 -4.01 12.03
C ARG C 331 28.40 -2.66 12.69
N VAL C 332 27.90 -1.58 12.07
CA VAL C 332 28.10 -0.24 12.62
C VAL C 332 27.45 -0.14 14.00
N ALA C 333 26.24 -0.66 14.14
CA ALA C 333 25.53 -0.58 15.40
C ALA C 333 26.18 -1.44 16.48
N ILE C 334 26.69 -2.61 16.09
CA ILE C 334 27.42 -3.45 17.05
C ILE C 334 28.62 -2.67 17.59
N ALA C 335 29.39 -2.06 16.69
CA ALA C 335 30.56 -1.30 17.13
C ALA C 335 30.15 -0.11 18.00
N ALA C 336 29.09 0.59 17.62
CA ALA C 336 28.65 1.76 18.37
C ALA C 336 28.22 1.39 19.78
N LEU C 337 27.49 0.29 19.93
CA LEU C 337 27.11 -0.17 21.26
C LEU C 337 28.32 -0.66 22.06
N GLU C 338 29.28 -1.30 21.38
CA GLU C 338 30.47 -1.77 22.08
C GLU C 338 31.29 -0.62 22.65
N VAL C 339 31.45 0.48 21.91
CA VAL C 339 32.22 1.58 22.48
C VAL C 339 31.43 2.29 23.58
N LEU C 340 30.10 2.26 23.52
CA LEU C 340 29.32 2.80 24.62
C LEU C 340 29.53 1.98 25.89
N GLU C 341 29.52 0.66 25.77
CA GLU C 341 29.69 -0.19 26.94
C GLU C 341 31.13 -0.12 27.48
N GLU C 342 32.11 -0.25 26.59
CA GLU C 342 33.49 -0.45 27.03
C GLU C 342 34.17 0.84 27.47
N GLU C 343 33.61 2.01 27.14
CA GLU C 343 34.18 3.28 27.57
C GLU C 343 33.38 3.92 28.71
N ASN C 344 32.42 3.20 29.26
CA ASN C 344 31.60 3.68 30.37
C ASN C 344 31.08 5.09 30.14
N LEU C 345 30.47 5.33 28.98
CA LEU C 345 30.01 6.66 28.65
C LEU C 345 28.84 7.10 29.53
N ALA C 346 28.10 6.16 30.11
CA ALA C 346 26.97 6.51 30.95
C ALA C 346 27.41 7.16 32.25
N GLU C 347 28.39 6.56 32.93
CA GLU C 347 28.90 7.13 34.18
C GLU C 347 29.53 8.49 33.95
N ASN C 348 30.31 8.62 32.87
CA ASN C 348 30.89 9.91 32.53
C ASN C 348 29.81 10.94 32.23
N ALA C 349 28.77 10.54 31.50
CA ALA C 349 27.69 11.46 31.18
C ALA C 349 27.00 11.95 32.45
N ASP C 350 26.72 11.03 33.38
CA ASP C 350 26.07 11.41 34.63
C ASP C 350 26.96 12.37 35.44
N LYS C 351 28.22 11.98 35.64
CA LYS C 351 29.12 12.78 36.46
C LYS C 351 29.33 14.17 35.89
N LEU C 352 29.53 14.26 34.56
CA LEU C 352 29.77 15.55 33.95
C LEU C 352 28.49 16.36 33.81
N GLY C 353 27.34 15.71 33.69
CA GLY C 353 26.08 16.44 33.65
C GLY C 353 25.76 17.11 34.96
N ILE C 354 26.10 16.46 36.07
CA ILE C 354 25.95 17.10 37.38
C ILE C 354 26.74 18.41 37.40
N ILE C 355 28.01 18.36 36.96
CA ILE C 355 28.85 19.55 36.96
C ILE C 355 28.28 20.61 36.03
N LEU C 356 27.84 20.20 34.84
CA LEU C 356 27.33 21.14 33.85
C LEU C 356 26.11 21.88 34.39
N ARG C 357 25.16 21.15 34.99
CA ARG C 357 23.97 21.79 35.54
C ARG C 357 24.33 22.69 36.71
N ASN C 358 25.23 22.24 37.59
CA ASN C 358 25.59 23.06 38.75
C ASN C 358 26.27 24.36 38.32
N GLU C 359 27.04 24.31 37.23
CA GLU C 359 27.68 25.52 36.72
C GLU C 359 26.66 26.43 36.02
N LEU C 360 25.74 25.84 35.26
CA LEU C 360 24.75 26.65 34.55
C LEU C 360 23.77 27.31 35.51
N MET C 361 23.52 26.69 36.68
CA MET C 361 22.65 27.32 37.65
C MET C 361 23.32 28.57 38.25
N LYS C 362 24.64 28.67 38.15
CA LYS C 362 25.33 29.86 38.63
C LYS C 362 25.07 31.08 37.75
N LEU C 363 24.47 30.89 36.58
CA LEU C 363 24.15 32.02 35.72
C LEU C 363 23.04 32.88 36.32
N PRO C 364 23.05 34.19 36.07
CA PRO C 364 22.05 35.07 36.67
C PRO C 364 20.64 34.75 36.18
N SER C 365 19.67 34.85 37.08
CA SER C 365 18.28 34.65 36.71
C SER C 365 17.72 35.81 35.90
N ASP C 366 18.40 36.95 35.88
CA ASP C 366 18.01 38.04 34.99
C ASP C 366 18.23 37.64 33.54
N VAL C 367 19.09 36.65 33.32
CA VAL C 367 19.46 36.21 31.98
C VAL C 367 18.90 34.82 31.69
N VAL C 368 19.12 33.86 32.57
CA VAL C 368 18.69 32.48 32.38
C VAL C 368 17.54 32.21 33.34
N THR C 369 16.35 31.97 32.79
CA THR C 369 15.19 31.71 33.64
C THR C 369 15.19 30.32 34.22
N ALA C 370 15.66 29.32 33.48
CA ALA C 370 15.58 27.95 33.98
C ALA C 370 16.75 27.13 33.46
N VAL C 371 17.10 26.09 34.23
CA VAL C 371 18.09 25.09 33.83
C VAL C 371 17.51 23.72 34.14
N ARG C 372 17.64 22.79 33.19
CA ARG C 372 17.09 21.45 33.40
C ARG C 372 17.86 20.44 32.56
N GLY C 373 17.65 19.18 32.85
CA GLY C 373 18.21 18.09 32.08
C GLY C 373 18.70 16.94 32.94
N LYS C 374 19.08 15.86 32.27
CA LYS C 374 19.69 14.70 32.91
C LYS C 374 20.91 14.28 32.12
N GLY C 375 21.94 13.84 32.86
CA GLY C 375 23.19 13.46 32.21
C GLY C 375 23.72 14.60 31.38
N LEU C 376 24.15 14.29 30.15
CA LEU C 376 24.64 15.30 29.24
C LEU C 376 23.57 15.80 28.29
N LEU C 377 22.31 15.51 28.58
CA LEU C 377 21.17 16.09 27.86
C LEU C 377 20.60 17.20 28.74
N ASN C 378 20.92 18.45 28.43
CA ASN C 378 20.49 19.56 29.25
C ASN C 378 19.99 20.70 28.38
N ALA C 379 19.32 21.65 29.03
CA ALA C 379 18.79 22.82 28.34
C ALA C 379 18.69 23.97 29.32
N ILE C 380 18.82 25.18 28.78
CA ILE C 380 18.61 26.41 29.54
C ILE C 380 17.52 27.22 28.85
N VAL C 381 16.66 27.83 29.66
CA VAL C 381 15.60 28.70 29.18
C VAL C 381 15.96 30.12 29.58
N ILE C 382 16.10 30.98 28.57
CA ILE C 382 16.57 32.35 28.75
C ILE C 382 15.38 33.30 28.74
N LYS C 383 15.55 34.45 29.41
CA LYS C 383 14.52 35.48 29.45
C LYS C 383 14.55 36.27 28.15
N GLU C 384 13.62 35.96 27.26
CA GLU C 384 13.58 36.59 25.94
C GLU C 384 12.94 37.97 26.04
N THR C 385 13.61 38.99 25.53
CA THR C 385 13.08 40.34 25.44
C THR C 385 13.22 40.84 24.00
N LYS C 386 12.86 42.11 23.81
CA LYS C 386 12.94 42.70 22.48
C LYS C 386 14.37 42.79 21.99
N ASP C 387 15.31 42.99 22.92
CA ASP C 387 16.72 43.15 22.57
C ASP C 387 17.32 41.87 22.00
N TRP C 388 17.10 40.75 22.69
CA TRP C 388 17.86 39.54 22.47
C TRP C 388 16.95 38.31 22.48
N ASP C 389 17.46 37.21 21.94
CA ASP C 389 16.74 35.94 21.94
C ASP C 389 17.76 34.81 21.89
N ALA C 390 17.25 33.58 21.95
CA ALA C 390 18.12 32.41 21.94
C ALA C 390 18.90 32.29 20.63
N TRP C 391 18.32 32.75 19.52
CA TRP C 391 19.04 32.74 18.25
C TRP C 391 20.30 33.59 18.31
N LYS C 392 20.18 34.80 18.87
CA LYS C 392 21.34 35.67 19.02
C LYS C 392 22.38 35.06 19.95
N VAL C 393 21.92 34.41 21.02
CA VAL C 393 22.84 33.76 21.95
C VAL C 393 23.62 32.66 21.25
N CYS C 394 22.93 31.85 20.44
CA CYS C 394 23.62 30.79 19.71
C CYS C 394 24.54 31.36 18.64
N LEU C 395 24.17 32.48 18.03
CA LEU C 395 25.07 33.15 17.09
C LEU C 395 26.37 33.57 17.78
N ARG C 396 26.25 34.19 18.95
CA ARG C 396 27.44 34.60 19.68
C ARG C 396 28.24 33.42 20.21
N LEU C 397 27.56 32.33 20.59
CA LEU C 397 28.26 31.11 20.96
C LEU C 397 29.06 30.56 19.78
N ARG C 398 28.48 30.60 18.58
CA ARG C 398 29.21 30.20 17.37
C ARG C 398 30.42 31.09 17.17
N ASP C 399 30.26 32.40 17.37
CA ASP C 399 31.39 33.32 17.28
C ASP C 399 32.48 32.96 18.27
N ASN C 400 32.11 32.44 19.44
CA ASN C 400 33.05 32.11 20.49
C ASN C 400 33.49 30.65 20.46
N GLY C 401 33.09 29.87 19.46
CA GLY C 401 33.59 28.53 19.30
C GLY C 401 32.76 27.42 19.91
N LEU C 402 31.47 27.63 20.13
CA LEU C 402 30.58 26.61 20.65
C LEU C 402 29.31 26.58 19.82
N LEU C 403 28.91 25.38 19.38
CA LEU C 403 27.78 25.22 18.48
C LEU C 403 26.58 24.68 19.24
N ALA C 404 25.48 25.43 19.21
CA ALA C 404 24.20 25.01 19.76
C ALA C 404 23.08 25.71 19.00
N LYS C 405 21.90 25.11 19.03
CA LYS C 405 20.74 25.68 18.34
C LYS C 405 19.55 25.76 19.28
N PRO C 406 18.77 26.84 19.23
CA PRO C 406 17.52 26.88 20.01
C PRO C 406 16.45 26.01 19.39
N THR C 407 15.52 25.58 20.24
CA THR C 407 14.47 24.66 19.82
C THR C 407 13.07 25.26 19.86
N HIS C 408 12.82 26.28 20.68
CA HIS C 408 11.50 26.90 20.70
C HIS C 408 11.56 28.41 20.85
N GLY C 409 12.74 29.00 20.63
CA GLY C 409 12.92 30.44 20.68
C GLY C 409 13.48 30.98 21.97
N ASP C 410 13.40 30.21 23.05
CA ASP C 410 14.02 30.60 24.31
C ASP C 410 14.78 29.46 24.98
N ILE C 411 14.76 28.26 24.41
CA ILE C 411 15.40 27.09 25.00
C ILE C 411 16.64 26.76 24.17
N ILE C 412 17.79 26.71 24.83
CA ILE C 412 19.06 26.38 24.21
C ILE C 412 19.52 25.04 24.76
N ARG C 413 19.75 24.07 23.89
CA ARG C 413 20.13 22.73 24.28
C ARG C 413 21.64 22.60 24.39
N PHE C 414 22.10 21.98 25.46
CA PHE C 414 23.51 21.66 25.69
C PHE C 414 23.60 20.14 25.76
N ALA C 415 24.23 19.55 24.75
CA ALA C 415 24.32 18.10 24.62
C ALA C 415 25.62 17.75 23.91
N PRO C 416 26.76 17.86 24.61
CA PRO C 416 28.02 17.46 24.02
C PRO C 416 28.13 15.95 23.97
N PRO C 417 29.02 15.41 23.12
CA PRO C 417 29.21 13.96 23.09
C PRO C 417 29.69 13.44 24.44
N LEU C 418 29.30 12.20 24.75
CA LEU C 418 29.58 11.61 26.05
C LEU C 418 31.06 11.29 26.26
N VAL C 419 31.89 11.38 25.22
CA VAL C 419 33.32 11.17 25.37
C VAL C 419 34.09 12.37 25.87
N ILE C 420 33.42 13.50 26.13
CA ILE C 420 34.08 14.68 26.64
C ILE C 420 34.61 14.41 28.05
N LYS C 421 35.76 15.00 28.36
CA LYS C 421 36.39 14.88 29.66
C LYS C 421 36.32 16.24 30.39
N GLU C 422 36.58 16.21 31.69
CA GLU C 422 36.20 17.32 32.57
C GLU C 422 36.74 18.67 32.10
N ASP C 423 38.02 18.73 31.70
CA ASP C 423 38.60 20.04 31.39
C ASP C 423 37.99 20.63 30.12
N GLU C 424 37.70 19.80 29.13
CA GLU C 424 37.02 20.29 27.93
C GLU C 424 35.65 20.85 28.27
N LEU C 425 34.91 20.15 29.14
CA LEU C 425 33.60 20.63 29.56
C LEU C 425 33.73 21.95 30.31
N ARG C 426 34.75 22.08 31.15
CA ARG C 426 34.94 23.32 31.90
C ARG C 426 35.26 24.48 30.96
N GLU C 427 36.10 24.25 29.96
CA GLU C 427 36.38 25.30 28.98
C GLU C 427 35.13 25.67 28.19
N SER C 428 34.32 24.68 27.84
CA SER C 428 33.04 24.96 27.18
C SER C 428 32.14 25.80 28.08
N ILE C 429 32.16 25.50 29.38
CA ILE C 429 31.37 26.27 30.34
C ILE C 429 31.87 27.71 30.41
N GLU C 430 33.19 27.91 30.37
CA GLU C 430 33.72 29.27 30.32
C GLU C 430 33.26 30.00 29.07
N ILE C 431 33.24 29.32 27.93
CA ILE C 431 32.74 29.94 26.70
C ILE C 431 31.27 30.31 26.86
N ILE C 432 30.48 29.42 27.44
CA ILE C 432 29.05 29.67 27.65
C ILE C 432 28.86 30.88 28.57
N ASN C 433 29.65 30.94 29.65
CA ASN C 433 29.53 32.04 30.59
C ASN C 433 29.90 33.37 29.94
N LYS C 434 30.99 33.38 29.16
CA LYS C 434 31.38 34.60 28.45
C LYS C 434 30.29 35.07 27.51
N THR C 435 29.73 34.14 26.74
CA THR C 435 28.68 34.50 25.78
C THR C 435 27.45 35.04 26.50
N ILE C 436 27.04 34.35 27.58
CA ILE C 436 25.83 34.75 28.30
C ILE C 436 26.00 36.11 28.95
N LEU C 437 27.15 36.34 29.60
CA LEU C 437 27.40 37.58 30.31
C LEU C 437 27.98 38.67 29.42
N SER C 438 28.06 38.42 28.11
CA SER C 438 28.48 39.44 27.17
C SER C 438 27.32 40.28 26.61
N PHE C 439 26.09 40.00 27.02
CA PHE C 439 24.94 40.76 26.55
C PHE C 439 24.56 41.88 27.53
N1 PLP D . -27.75 -7.04 -12.56
C2 PLP D . -27.13 -8.18 -13.00
C2A PLP D . -26.30 -9.01 -12.06
C3 PLP D . -27.28 -8.59 -14.32
O3 PLP D . -26.67 -9.73 -14.75
C4 PLP D . -28.04 -7.83 -15.21
C4A PLP D . -28.50 -8.53 -16.46
C5 PLP D . -28.66 -6.68 -14.75
C6 PLP D . -28.50 -6.29 -13.42
C5A PLP D . -29.50 -5.79 -15.65
O4P PLP D . -30.69 -6.38 -16.09
P PLP D . -31.51 -5.68 -17.30
O1P PLP D . -31.62 -4.20 -17.04
O2P PLP D . -32.89 -6.27 -17.40
O3P PLP D . -30.75 -5.90 -18.57
N1 PLP E . 8.67 2.71 -3.55
C2 PLP E . 8.83 1.74 -4.51
C2A PLP E . 8.30 1.95 -5.91
C3 PLP E . 9.48 0.55 -4.21
O3 PLP E . 9.63 -0.41 -5.18
C4 PLP E . 9.99 0.32 -2.94
C4A PLP E . 11.18 -0.59 -2.86
C5 PLP E . 9.82 1.31 -1.98
C6 PLP E . 9.17 2.50 -2.29
C5A PLP E . 10.36 1.05 -0.59
O4P PLP E . 10.90 2.18 0.03
P PLP E . 11.76 1.94 1.37
O1P PLP E . 13.17 2.44 1.17
O2P PLP E . 11.10 2.65 2.52
O3P PLP E . 11.81 0.46 1.65
N1 PLP F . 11.97 10.04 18.61
C2 PLP F . 12.70 10.98 19.31
C2A PLP F . 12.58 11.05 20.80
C3 PLP F . 13.55 11.85 18.65
O3 PLP F . 14.27 12.77 19.37
C4 PLP F . 13.69 11.80 17.27
C4A PLP F . 14.90 12.47 16.68
C5 PLP F . 12.94 10.85 16.56
C6 PLP F . 12.10 9.99 17.24
C5A PLP F . 13.03 10.75 15.05
O4P PLP F . 14.29 10.31 14.61
P PLP F . 14.65 10.45 13.05
O1P PLP F . 14.86 11.91 12.73
O2P PLP F . 15.89 9.65 12.73
O3P PLP F . 13.51 9.94 12.22
#